data_8JLR
#
_entry.id   8JLR
#
_cell.length_a   1.00
_cell.length_b   1.00
_cell.length_c   1.00
_cell.angle_alpha   90.00
_cell.angle_beta   90.00
_cell.angle_gamma   90.00
#
_symmetry.space_group_name_H-M   'P 1'
#
loop_
_entity.id
_entity.type
_entity.pdbx_description
1 polymer mGs
2 polymer 'Guanine nucleotide-binding protein G(I)/G(S)/G(T) subunit beta-1'
3 polymer 'Soluble cytochrome b562,Trace amine-associated receptor 1'
4 polymer 'Guanine nucleotide-binding protein G(I)/G(S)/G(O) subunit gamma-2'
5 polymer scFV16
6 non-polymer (1~{S},3~{R})-3-(1-adamantyl)-1-(aminomethyl)-3,4-dihydro-1~{H}-isochromene-5,6-diol
#
loop_
_entity_poly.entity_id
_entity_poly.type
_entity_poly.pdbx_seq_one_letter_code
_entity_poly.pdbx_strand_id
1 'polypeptide(L)'
;MGCTLSAEDKAAVERSKMIEKQLQKDKQVYRATHRLLLLGADNSGKSTIVKQMRIYHVNGYSEEECKQYKAVVYSNTIQS
IIAIIRAMGRLKIDFGDSARADDARQLFVLAGAAEEGFMTAELAGVIKRLWKDSGVQACFNRSREYQLNDSAAYYLNDLD
RIAQPNYIPTQQDVLRTRVKTSGIFETKFQVDKVNFHMFDVGAQRDERRKWIQCFNDVTAIIFVVDSSDYNRLQEALNDF
KSIWNNRWLRTISVILFLNKQDLLAEKVLAGKSKIEDYFPEFARYTTPEDATPEPGEDPRVTRAKYFIRDEFLRISTASG
DGRHYCYPHFTCSVDTENARRIFNDCRDIIQRMHLRQYELL
;
A
2 'polypeptide(L)'
;MHHHHLEVLFQGPGSSGSELDQLRQEAEQLKNQIRDARKACADATLSQITNNIDPVGRIQMRTRRTLRGHLAKIYAMHWG
TDSRLLVSASQDGKLIIWDSYTTNKVHAIPLRSSWVMTCAYAPSGNYVACGGLDNICSIYNLKTREGNVRVSRELAGHTG
YLSCCRFLDDNQIVTSSGDTTCALWDIETGQQTTTFTGHTGDVMSLSLAPDTRLFVSGACDASAKLWDVREGMCRQTFTG
HESDINAICFFPNGNAFATGSDDATCRLFDLRADQELMTYSHDNIICGITSVSFSKSGRLLLAGYDDFNCNVWDALKADR
AGVLAGHDNRVSCLGVTDDGMAVATGSWDSFLKIWN
;
B
3 'polypeptide(L)'
;DYKDDDDKHHHHHHHHHHENLYFQGADLEDNWETLNDNLKVIEKADNAAQVKDALTKMRAAALDAQKATPPKLEDKSPDS
PEMKDFRHGFDILVGQIDDALKLANEGKVKEAQAAAEQLKTTRNAYIQKYLMMPFCHNIINISCVKNNWSNDVRASLYSL
MVLIILTTLVGNLIVIVSISHFKQLHTPTNWLIHSMATVDFLLGCLVMPYSMVRSAEHCWYFGEVFCKIHTSTDIMLSSA
SIFHLSFISIDRYYAVCDPLRYKAKMNILVICVMIFISWSVPAVFAFGMIFLELNFKGAEEIYYKHVHCRGGCSVFFSKI
SGVLTFMTSFYIPGSIMLCVYYRIYLIAKEQARLISDANQKLQIGLEMKNGISQSKERKAVKTLGIVMGVFLICWCPFFI
CTVMDPFLHYIIPPTLNDVLIWFGYLNSTFNPMVYAFFYPWFRKALKMMLFGKIFQKDSSRCKLFLELSS
;
R
4 'polypeptide(L)' MASNNTASIAQARKLVEQLKMEANIDRIKVSKAAADLMAYCEAHAKEDPLLTPVPASENPFREKKFFCAIL Y
5 'polypeptide(L)'
;DVQLVESGGGLVQPGGSRKLSCSASGFAFSSFGMHWVRQAPEKGLEWVAYISSGSGTIYYADTVKGRFTISRDDPKNTLF
LQMTSLRSEDTAMYYCVRSIYYYGSSPFDFWGQGTTLTVSSGGGGSGGGGSGGGSSDIVMTQATSSVPVTPGESVSISCR
SSKSLLHSNGNTYLYWFLQRPGQSPQLLIYRMSNLASGVPDRFSGSGSGTAFTLTISRLEAEDVGVYYCMQHLEYPLTFG
AGTKLELKAAAENLYFQGHHHHHHHH
;
S
#
loop_
_chem_comp.id
_chem_comp.type
_chem_comp.name
_chem_comp.formula
VRK non-polymer (1~{S},3~{R})-3-(1-adamantyl)-1-(aminomethyl)-3,4-dihydro-1~{H}-isochromene-5,6-diol 'C20 H27 N O3'
#
# COMPACT_ATOMS: atom_id res chain seq x y z
N THR A 4 3.92 12.61 -20.64
CA THR A 4 4.21 11.22 -20.94
C THR A 4 4.60 11.03 -22.40
N LEU A 5 4.42 12.09 -23.19
CA LEU A 5 4.74 12.02 -24.60
C LEU A 5 6.24 11.85 -24.83
N SER A 6 7.06 12.42 -23.95
CA SER A 6 8.49 12.34 -24.09
C SER A 6 8.98 10.91 -23.86
N ALA A 7 10.10 10.58 -24.52
CA ALA A 7 10.64 9.23 -24.40
C ALA A 7 11.14 8.95 -22.98
N GLU A 8 11.71 9.96 -22.33
CA GLU A 8 12.12 9.80 -20.94
C GLU A 8 10.94 9.44 -20.05
N ASP A 9 9.83 10.17 -20.21
CA ASP A 9 8.63 9.88 -19.43
C ASP A 9 8.03 8.53 -19.81
N LYS A 10 8.07 8.15 -21.09
CA LYS A 10 7.57 6.85 -21.49
C LYS A 10 8.37 5.73 -20.84
N ALA A 11 9.70 5.86 -20.82
CA ALA A 11 10.52 4.85 -20.17
C ALA A 11 10.34 4.85 -18.66
N ALA A 12 10.08 6.02 -18.06
CA ALA A 12 9.76 6.06 -16.63
C ALA A 12 8.45 5.34 -16.35
N VAL A 13 7.45 5.52 -17.20
CA VAL A 13 6.18 4.82 -17.03
C VAL A 13 6.38 3.32 -17.20
N GLU A 14 7.23 2.92 -18.14
CA GLU A 14 7.51 1.50 -18.33
C GLU A 14 8.23 0.91 -17.11
N ARG A 15 9.16 1.66 -16.53
CA ARG A 15 9.81 1.21 -15.29
C ARG A 15 8.80 1.08 -14.16
N SER A 16 7.86 2.04 -14.07
CA SER A 16 6.81 1.94 -13.08
C SER A 16 5.94 0.72 -13.31
N LYS A 17 5.70 0.38 -14.58
CA LYS A 17 4.92 -0.82 -14.88
C LYS A 17 5.66 -2.08 -14.48
N MET A 18 6.98 -2.12 -14.69
CA MET A 18 7.77 -3.26 -14.23
C MET A 18 7.73 -3.36 -12.71
N ILE A 19 7.81 -2.22 -12.02
CA ILE A 19 7.71 -2.21 -10.57
C ILE A 19 6.34 -2.72 -10.13
N GLU A 20 5.30 -2.34 -10.86
CA GLU A 20 3.95 -2.81 -10.53
C GLU A 20 3.83 -4.31 -10.77
N LYS A 21 4.50 -4.84 -11.79
CA LYS A 21 4.50 -6.29 -11.99
C LYS A 21 5.19 -7.01 -10.84
N GLN A 22 6.33 -6.48 -10.39
CA GLN A 22 6.99 -7.04 -9.22
C GLN A 22 6.10 -6.95 -7.99
N LEU A 23 5.37 -5.84 -7.85
CA LEU A 23 4.44 -5.68 -6.74
C LEU A 23 3.27 -6.67 -6.84
N GLN A 24 2.84 -6.99 -8.06
CA GLN A 24 1.81 -8.02 -8.22
C GLN A 24 2.33 -9.40 -7.81
N LYS A 25 3.58 -9.71 -8.15
CA LYS A 25 4.17 -10.95 -7.67
C LYS A 25 4.24 -10.97 -6.15
N ASP A 26 4.66 -9.86 -5.55
CA ASP A 26 4.72 -9.77 -4.10
C ASP A 26 3.33 -9.87 -3.48
N LYS A 27 2.33 -9.33 -4.16
CA LYS A 27 0.95 -9.41 -3.68
C LYS A 27 0.44 -10.85 -3.72
N GLN A 28 0.80 -11.60 -4.77
CA GLN A 28 0.43 -13.00 -4.82
C GLN A 28 1.12 -13.79 -3.71
N VAL A 29 2.38 -13.47 -3.43
CA VAL A 29 3.10 -14.16 -2.35
C VAL A 29 2.50 -13.83 -1.00
N TYR A 30 2.21 -12.55 -0.75
CA TYR A 30 1.75 -12.07 0.55
C TYR A 30 0.30 -12.43 0.82
N ARG A 31 -0.53 -12.49 -0.23
CA ARG A 31 -1.94 -12.79 -0.06
C ARG A 31 -2.17 -14.27 0.22
N ALA A 32 -1.25 -15.14 -0.20
CA ALA A 32 -1.33 -16.57 0.08
C ALA A 32 -0.69 -16.95 1.40
N THR A 33 -0.11 -15.98 2.11
CA THR A 33 0.53 -16.22 3.39
C THR A 33 -0.34 -15.65 4.50
N HIS A 34 -0.59 -16.46 5.53
CA HIS A 34 -1.41 -16.04 6.66
C HIS A 34 -0.52 -15.50 7.77
N ARG A 35 -0.82 -14.29 8.23
CA ARG A 35 -0.04 -13.63 9.25
C ARG A 35 -0.59 -13.98 10.63
N LEU A 36 0.28 -14.40 11.53
CA LEU A 36 -0.11 -14.89 12.85
C LEU A 36 0.78 -14.26 13.90
N LEU A 37 0.17 -13.56 14.85
CA LEU A 37 0.94 -13.00 15.96
C LEU A 37 1.17 -14.07 17.02
N LEU A 38 2.29 -13.96 17.72
CA LEU A 38 2.62 -14.85 18.83
C LEU A 38 2.88 -14.02 20.07
N LEU A 39 2.14 -14.27 21.13
CA LEU A 39 2.27 -13.52 22.37
C LEU A 39 2.41 -14.49 23.54
N GLY A 40 3.04 -14.00 24.61
CA GLY A 40 3.26 -14.81 25.79
C GLY A 40 3.99 -14.05 26.87
N ALA A 41 4.90 -14.73 27.57
CA ALA A 41 5.66 -14.10 28.65
C ALA A 41 6.96 -14.86 28.84
N ASP A 42 7.69 -14.50 29.89
CA ASP A 42 8.93 -15.20 30.22
C ASP A 42 8.63 -16.63 30.64
N ASN A 43 9.52 -17.55 30.25
CA ASN A 43 9.44 -18.98 30.56
C ASN A 43 8.09 -19.60 30.16
N SER A 44 7.32 -18.89 29.33
CA SER A 44 6.05 -19.42 28.86
C SER A 44 6.26 -20.59 27.90
N GLY A 45 7.23 -20.47 26.99
CA GLY A 45 7.53 -21.54 26.07
C GLY A 45 7.41 -21.14 24.62
N LYS A 46 7.41 -19.84 24.34
CA LYS A 46 7.34 -19.37 22.96
C LYS A 46 8.58 -19.80 22.18
N SER A 47 9.75 -19.70 22.81
CA SER A 47 11.00 -20.01 22.11
C SER A 47 11.05 -21.47 21.68
N THR A 48 10.75 -22.40 22.59
CA THR A 48 10.79 -23.80 22.24
C THR A 48 9.71 -24.15 21.22
N ILE A 49 8.57 -23.46 21.26
CA ILE A 49 7.53 -23.69 20.26
C ILE A 49 8.03 -23.26 18.88
N VAL A 50 8.57 -22.04 18.77
CA VAL A 50 8.98 -21.56 17.46
C VAL A 50 10.15 -22.39 16.91
N LYS A 51 11.05 -22.85 17.78
CA LYS A 51 12.10 -23.75 17.30
C LYS A 51 11.56 -25.14 17.03
N GLN A 52 10.37 -25.47 17.52
CA GLN A 52 9.83 -26.82 17.35
C GLN A 52 9.35 -27.09 15.93
N MET A 53 8.68 -26.15 15.28
CA MET A 53 8.27 -26.37 13.90
C MET A 53 9.41 -26.31 12.91
N ARG A 54 10.57 -25.79 13.30
CA ARG A 54 11.67 -25.63 12.36
C ARG A 54 12.48 -26.92 12.27
N LYS A 180 21.54 -10.29 20.21
CA LYS A 180 21.41 -8.84 20.03
C LYS A 180 20.09 -8.34 20.58
N THR A 181 19.60 -7.24 20.01
CA THR A 181 18.35 -6.60 20.44
C THR A 181 17.32 -6.63 19.32
N SER A 182 17.20 -7.77 18.64
CA SER A 182 16.21 -7.90 17.58
C SER A 182 14.81 -7.82 18.15
N GLY A 183 13.88 -7.27 17.38
CA GLY A 183 12.53 -7.06 17.86
C GLY A 183 11.52 -8.06 17.37
N ILE A 184 11.62 -8.46 16.10
CA ILE A 184 10.70 -9.42 15.50
C ILE A 184 11.51 -10.66 15.13
N PHE A 185 11.12 -11.80 15.71
CA PHE A 185 11.73 -13.10 15.38
C PHE A 185 10.81 -13.79 14.38
N GLU A 186 10.92 -13.37 13.12
CA GLU A 186 10.09 -13.92 12.07
C GLU A 186 10.32 -15.42 11.91
N THR A 187 9.24 -16.17 11.81
CA THR A 187 9.30 -17.59 11.50
C THR A 187 8.31 -17.90 10.39
N LYS A 188 8.68 -18.81 9.50
CA LYS A 188 7.81 -19.23 8.40
C LYS A 188 7.71 -20.74 8.44
N PHE A 189 6.49 -21.27 8.50
CA PHE A 189 6.31 -22.70 8.42
C PHE A 189 5.16 -23.05 7.48
N GLN A 190 5.29 -24.19 6.80
CA GLN A 190 4.38 -24.60 5.75
C GLN A 190 3.62 -25.83 6.20
N VAL A 191 2.29 -25.76 6.14
CA VAL A 191 1.41 -26.86 6.48
C VAL A 191 0.38 -27.01 5.36
N ASP A 192 0.35 -28.19 4.73
CA ASP A 192 -0.58 -28.49 3.65
C ASP A 192 -0.54 -27.41 2.56
N LYS A 193 0.67 -27.05 2.17
CA LYS A 193 0.91 -26.04 1.12
C LYS A 193 0.35 -24.68 1.51
N VAL A 194 0.27 -24.40 2.80
CA VAL A 194 -0.17 -23.10 3.31
C VAL A 194 0.94 -22.53 4.17
N ASN A 195 1.30 -21.27 3.93
CA ASN A 195 2.41 -20.63 4.63
C ASN A 195 1.88 -19.81 5.80
N PHE A 196 2.49 -20.00 6.97
CA PHE A 196 2.11 -19.29 8.18
C PHE A 196 3.33 -18.56 8.73
N HIS A 197 3.09 -17.35 9.22
CA HIS A 197 4.12 -16.45 9.72
C HIS A 197 3.97 -16.27 11.22
N MET A 198 5.00 -16.65 11.97
CA MET A 198 5.10 -16.41 13.40
C MET A 198 5.80 -15.07 13.62
N PHE A 199 5.12 -14.15 14.29
CA PHE A 199 5.66 -12.84 14.66
C PHE A 199 5.86 -12.84 16.17
N ASP A 200 7.07 -13.14 16.62
CA ASP A 200 7.41 -13.12 18.03
C ASP A 200 8.11 -11.81 18.35
N VAL A 201 7.62 -11.12 19.38
CA VAL A 201 8.22 -9.86 19.81
C VAL A 201 9.21 -10.14 20.94
N GLY A 202 10.46 -9.72 20.74
CA GLY A 202 11.49 -9.99 21.72
C GLY A 202 12.35 -8.78 21.94
N ALA A 203 13.04 -8.78 23.08
CA ALA A 203 13.92 -7.68 23.49
C ALA A 203 13.18 -6.35 23.49
N GLN A 204 11.91 -6.38 23.90
CA GLN A 204 11.08 -5.19 23.96
C GLN A 204 10.47 -5.07 25.35
N ARG A 205 10.08 -3.84 25.69
CA ARG A 205 9.54 -3.56 27.01
C ARG A 205 8.12 -4.11 27.14
N ASP A 206 7.55 -3.94 28.33
CA ASP A 206 6.16 -4.30 28.59
C ASP A 206 5.25 -3.18 28.06
N GLU A 207 3.97 -3.21 28.46
CA GLU A 207 2.98 -2.22 28.04
C GLU A 207 2.85 -2.22 26.51
N ARG A 208 2.34 -3.34 26.01
CA ARG A 208 2.23 -3.59 24.58
C ARG A 208 1.01 -2.89 23.98
N ARG A 209 0.88 -1.60 24.26
CA ARG A 209 -0.29 -0.83 23.84
C ARG A 209 -0.12 -0.18 22.48
N LYS A 210 1.09 0.28 22.15
CA LYS A 210 1.28 1.13 20.98
C LYS A 210 1.83 0.40 19.76
N TRP A 211 2.32 -0.83 19.90
CA TRP A 211 2.73 -1.62 18.76
C TRP A 211 1.76 -2.74 18.45
N ILE A 212 0.71 -2.91 19.25
CA ILE A 212 -0.18 -4.06 19.10
C ILE A 212 -1.18 -3.87 17.97
N GLN A 213 -1.42 -2.62 17.53
CA GLN A 213 -2.34 -2.40 16.41
C GLN A 213 -1.68 -2.64 15.06
N CYS A 214 -0.36 -2.86 15.02
CA CYS A 214 0.27 -3.24 13.76
C CYS A 214 -0.26 -4.58 13.28
N PHE A 215 -0.52 -5.51 14.19
CA PHE A 215 -1.09 -6.81 13.88
C PHE A 215 -2.61 -6.75 13.85
N ASN A 216 -3.13 -5.86 12.99
CA ASN A 216 -4.58 -5.66 12.93
C ASN A 216 -5.25 -6.63 11.96
N ASP A 217 -4.55 -7.03 10.89
CA ASP A 217 -5.11 -7.92 9.89
C ASP A 217 -4.50 -9.31 9.95
N VAL A 218 -3.85 -9.66 11.06
CA VAL A 218 -3.31 -11.00 11.21
C VAL A 218 -4.45 -12.01 11.29
N THR A 219 -4.18 -13.23 10.83
CA THR A 219 -5.20 -14.27 10.87
C THR A 219 -5.61 -14.60 12.30
N ALA A 220 -4.65 -14.68 13.21
CA ALA A 220 -4.93 -15.01 14.60
C ALA A 220 -3.74 -14.63 15.46
N ILE A 221 -3.94 -14.70 16.76
CA ILE A 221 -2.89 -14.47 17.75
C ILE A 221 -2.80 -15.71 18.63
N ILE A 222 -1.68 -16.40 18.58
CA ILE A 222 -1.46 -17.55 19.45
C ILE A 222 -0.87 -17.05 20.76
N PHE A 223 -1.58 -17.31 21.85
CA PHE A 223 -1.20 -16.89 23.18
C PHE A 223 -0.66 -18.10 23.92
N VAL A 224 0.59 -18.01 24.37
CA VAL A 224 1.29 -19.10 25.03
C VAL A 224 1.23 -18.89 26.53
N VAL A 225 0.78 -19.90 27.26
CA VAL A 225 0.67 -19.85 28.72
C VAL A 225 1.40 -21.05 29.30
N ASP A 226 2.28 -20.80 30.27
CA ASP A 226 2.87 -21.85 31.08
C ASP A 226 1.90 -22.17 32.21
N SER A 227 1.31 -23.35 32.16
CA SER A 227 0.28 -23.74 33.13
C SER A 227 0.85 -24.42 34.36
N SER A 228 2.17 -24.50 34.50
CA SER A 228 2.76 -25.19 35.63
C SER A 228 3.21 -24.23 36.74
N ASP A 229 3.47 -22.97 36.40
CA ASP A 229 4.04 -22.05 37.38
C ASP A 229 3.11 -21.82 38.57
N TYR A 230 1.83 -21.54 38.28
CA TYR A 230 0.79 -21.26 39.26
C TYR A 230 0.99 -19.95 40.02
N ASN A 231 2.09 -19.25 39.80
CA ASN A 231 2.31 -17.93 40.37
C ASN A 231 2.36 -16.83 39.32
N ARG A 232 2.89 -17.12 38.14
CA ARG A 232 2.74 -16.25 36.98
C ARG A 232 1.47 -16.54 36.19
N LEU A 233 0.67 -17.50 36.65
CA LEU A 233 -0.58 -17.82 35.96
C LEU A 233 -1.55 -16.65 36.01
N GLN A 234 -1.60 -15.93 37.13
CA GLN A 234 -2.46 -14.77 37.23
C GLN A 234 -2.01 -13.67 36.27
N GLU A 235 -0.70 -13.46 36.16
CA GLU A 235 -0.19 -12.47 35.21
C GLU A 235 -0.52 -12.85 33.78
N ALA A 236 -0.39 -14.13 33.44
CA ALA A 236 -0.75 -14.59 32.10
C ALA A 236 -2.25 -14.42 31.85
N LEU A 237 -3.07 -14.68 32.87
CA LEU A 237 -4.51 -14.48 32.74
C LEU A 237 -4.85 -13.02 32.49
N ASN A 238 -4.18 -12.12 33.22
CA ASN A 238 -4.39 -10.69 33.00
C ASN A 238 -3.93 -10.27 31.61
N ASP A 239 -2.82 -10.82 31.14
CA ASP A 239 -2.35 -10.52 29.79
C ASP A 239 -3.35 -10.99 28.74
N PHE A 240 -3.91 -12.19 28.93
CA PHE A 240 -4.94 -12.67 28.02
C PHE A 240 -6.17 -11.79 28.06
N LYS A 241 -6.55 -11.31 29.25
CA LYS A 241 -7.68 -10.41 29.36
C LYS A 241 -7.42 -9.10 28.61
N SER A 242 -6.21 -8.57 28.73
CA SER A 242 -5.85 -7.35 28.01
C SER A 242 -5.88 -7.57 26.51
N ILE A 243 -5.35 -8.70 26.04
CA ILE A 243 -5.29 -8.95 24.61
C ILE A 243 -6.68 -9.21 24.03
N TRP A 244 -7.51 -9.98 24.75
CA TRP A 244 -8.85 -10.31 24.26
C TRP A 244 -9.72 -9.06 24.16
N ASN A 245 -9.64 -8.19 25.16
CA ASN A 245 -10.48 -7.00 25.21
C ASN A 245 -9.85 -5.78 24.53
N ASN A 246 -8.69 -5.95 23.89
CA ASN A 246 -8.07 -4.85 23.17
C ASN A 246 -8.98 -4.37 22.05
N ARG A 247 -9.13 -3.04 21.95
CA ARG A 247 -10.04 -2.48 20.94
C ARG A 247 -9.51 -2.70 19.53
N TRP A 248 -8.19 -2.68 19.34
CA TRP A 248 -7.61 -2.96 18.03
C TRP A 248 -7.65 -4.44 17.69
N LEU A 249 -7.55 -5.31 18.69
CA LEU A 249 -7.41 -6.73 18.48
C LEU A 249 -8.75 -7.46 18.39
N ARG A 250 -9.86 -6.71 18.34
CA ARG A 250 -11.12 -7.31 17.94
C ARG A 250 -11.03 -7.73 16.46
N THR A 251 -12.00 -8.55 16.04
CA THR A 251 -12.02 -9.22 14.75
C THR A 251 -10.88 -10.21 14.59
N ILE A 252 -10.08 -10.42 15.63
CA ILE A 252 -8.90 -11.28 15.57
C ILE A 252 -9.06 -12.34 16.64
N SER A 253 -9.04 -13.61 16.22
CA SER A 253 -9.22 -14.73 17.14
C SER A 253 -7.91 -15.09 17.82
N VAL A 254 -8.04 -15.70 19.00
CA VAL A 254 -6.90 -16.08 19.82
C VAL A 254 -6.83 -17.61 19.86
N ILE A 255 -5.66 -18.15 19.53
CA ILE A 255 -5.38 -19.57 19.63
C ILE A 255 -4.54 -19.76 20.88
N LEU A 256 -5.08 -20.43 21.89
CA LEU A 256 -4.42 -20.54 23.18
C LEU A 256 -3.67 -21.85 23.29
N PHE A 257 -2.39 -21.77 23.66
CA PHE A 257 -1.53 -22.94 23.83
C PHE A 257 -1.05 -22.98 25.28
N LEU A 258 -1.50 -24.00 26.02
CA LEU A 258 -0.99 -24.27 27.35
C LEU A 258 0.18 -25.26 27.25
N ASN A 259 1.36 -24.83 27.69
CA ASN A 259 2.57 -25.62 27.50
C ASN A 259 3.01 -26.30 28.78
N LYS A 260 4.03 -27.14 28.63
CA LYS A 260 4.67 -27.84 29.73
C LYS A 260 3.66 -28.63 30.54
N GLN A 261 2.79 -29.34 29.83
CA GLN A 261 1.80 -30.19 30.49
C GLN A 261 2.44 -31.34 31.24
N ASP A 262 3.58 -31.84 30.76
CA ASP A 262 4.31 -32.85 31.52
C ASP A 262 4.81 -32.28 32.85
N LEU A 263 5.36 -31.06 32.83
CA LEU A 263 5.81 -30.42 34.06
C LEU A 263 4.63 -30.11 34.97
N LEU A 264 3.51 -29.67 34.40
CA LEU A 264 2.31 -29.42 35.21
C LEU A 264 1.83 -30.70 35.87
N ALA A 265 1.81 -31.81 35.11
CA ALA A 265 1.39 -33.09 35.67
C ALA A 265 2.32 -33.54 36.78
N GLU A 266 3.63 -33.41 36.56
CA GLU A 266 4.59 -33.79 37.59
C GLU A 266 4.40 -32.96 38.86
N LYS A 267 4.21 -31.64 38.69
CA LYS A 267 4.02 -30.77 39.85
C LYS A 267 2.74 -31.12 40.61
N VAL A 268 1.65 -31.38 39.89
CA VAL A 268 0.39 -31.64 40.57
C VAL A 268 0.40 -33.02 41.23
N LEU A 269 1.07 -34.01 40.64
CA LEU A 269 1.14 -35.31 41.28
C LEU A 269 2.11 -35.31 42.45
N ALA A 270 3.15 -34.49 42.39
CA ALA A 270 4.10 -34.41 43.50
C ALA A 270 3.47 -33.79 44.73
N GLY A 271 2.50 -32.90 44.55
CA GLY A 271 1.86 -32.25 45.68
C GLY A 271 2.67 -31.14 46.33
N LYS A 272 3.74 -30.69 45.68
CA LYS A 272 4.57 -29.65 46.27
C LYS A 272 3.80 -28.34 46.44
N SER A 273 3.02 -27.96 45.43
CA SER A 273 2.27 -26.71 45.45
C SER A 273 0.81 -27.01 45.15
N LYS A 274 -0.04 -26.85 46.16
CA LYS A 274 -1.47 -27.05 45.96
C LYS A 274 -2.08 -25.89 45.18
N ILE A 275 -3.19 -26.18 44.49
CA ILE A 275 -3.86 -25.16 43.70
C ILE A 275 -4.46 -24.09 44.60
N GLU A 276 -4.95 -24.50 45.78
CA GLU A 276 -5.59 -23.55 46.70
C GLU A 276 -4.62 -22.51 47.23
N ASP A 277 -3.32 -22.77 47.15
CA ASP A 277 -2.33 -21.78 47.60
C ASP A 277 -2.38 -20.52 46.74
N TYR A 278 -2.79 -20.66 45.48
CA TYR A 278 -2.88 -19.53 44.55
C TYR A 278 -4.29 -19.30 44.03
N PHE A 279 -5.02 -20.36 43.71
CA PHE A 279 -6.39 -20.24 43.20
C PHE A 279 -7.35 -20.87 44.19
N PRO A 280 -8.15 -20.09 44.92
CA PRO A 280 -9.07 -20.68 45.90
C PRO A 280 -10.31 -21.31 45.28
N GLU A 281 -10.62 -21.00 44.03
CA GLU A 281 -11.83 -21.52 43.39
C GLU A 281 -11.68 -22.97 42.94
N PHE A 282 -10.48 -23.54 43.03
CA PHE A 282 -10.29 -24.93 42.61
C PHE A 282 -11.10 -25.90 43.46
N ALA A 283 -11.35 -25.56 44.73
CA ALA A 283 -12.13 -26.44 45.60
C ALA A 283 -13.54 -26.63 45.07
N ARG A 284 -14.21 -25.54 44.71
CA ARG A 284 -15.57 -25.61 44.18
C ARG A 284 -15.57 -25.68 42.65
N TYR A 285 -14.80 -26.63 42.11
CA TYR A 285 -14.70 -26.84 40.68
C TYR A 285 -14.97 -28.29 40.35
N THR A 286 -15.74 -28.52 39.29
CA THR A 286 -16.06 -29.86 38.81
C THR A 286 -15.62 -30.01 37.37
N THR A 287 -15.02 -31.15 37.05
CA THR A 287 -14.57 -31.40 35.69
C THR A 287 -15.77 -31.46 34.75
N PRO A 288 -15.75 -30.72 33.64
CA PRO A 288 -16.88 -30.77 32.71
C PRO A 288 -17.03 -32.14 32.08
N GLU A 289 -18.29 -32.49 31.77
CA GLU A 289 -18.59 -33.80 31.20
C GLU A 289 -17.98 -33.99 29.81
N ASP A 290 -17.71 -32.90 29.08
CA ASP A 290 -17.11 -32.97 27.75
C ASP A 290 -15.59 -32.82 27.79
N ALA A 291 -14.96 -33.20 28.90
CA ALA A 291 -13.51 -33.07 29.07
C ALA A 291 -12.89 -34.46 28.91
N THR A 292 -12.35 -34.73 27.72
CA THR A 292 -11.71 -36.01 27.44
C THR A 292 -10.24 -35.96 27.83
N PRO A 293 -9.78 -36.83 28.73
CA PRO A 293 -8.36 -36.83 29.10
C PRO A 293 -7.55 -37.68 28.11
N GLU A 294 -6.23 -37.64 28.29
CA GLU A 294 -5.35 -38.58 27.61
C GLU A 294 -5.64 -39.98 28.15
N PRO A 295 -5.50 -41.03 27.31
CA PRO A 295 -5.97 -42.37 27.73
C PRO A 295 -5.46 -42.85 29.09
N GLY A 296 -4.22 -42.57 29.45
CA GLY A 296 -3.76 -42.93 30.78
C GLY A 296 -3.25 -41.73 31.56
N GLU A 297 -4.00 -41.29 32.56
CA GLU A 297 -3.68 -40.06 33.25
C GLU A 297 -4.49 -39.97 34.54
N ASP A 298 -3.87 -39.37 35.55
CA ASP A 298 -4.54 -39.13 36.83
C ASP A 298 -5.64 -38.10 36.62
N PRO A 299 -6.84 -38.30 37.14
CA PRO A 299 -7.92 -37.34 36.86
C PRO A 299 -7.79 -36.02 37.62
N ARG A 300 -6.96 -35.96 38.67
CA ARG A 300 -6.66 -34.67 39.27
C ARG A 300 -5.90 -33.78 38.29
N VAL A 301 -4.97 -34.37 37.53
CA VAL A 301 -4.26 -33.62 36.50
C VAL A 301 -5.25 -33.09 35.46
N THR A 302 -6.19 -33.94 35.05
CA THR A 302 -7.20 -33.51 34.08
C THR A 302 -8.05 -32.38 34.63
N ARG A 303 -8.45 -32.49 35.91
CA ARG A 303 -9.25 -31.42 36.51
C ARG A 303 -8.48 -30.11 36.56
N ALA A 304 -7.20 -30.16 36.94
CA ALA A 304 -6.40 -28.94 36.97
C ALA A 304 -6.24 -28.36 35.58
N LYS A 305 -5.96 -29.20 34.59
CA LYS A 305 -5.80 -28.73 33.21
C LYS A 305 -7.05 -28.03 32.73
N TYR A 306 -8.21 -28.64 32.97
CA TYR A 306 -9.45 -28.08 32.46
C TYR A 306 -9.89 -26.86 33.27
N PHE A 307 -9.54 -26.79 34.55
CA PHE A 307 -9.77 -25.55 35.29
C PHE A 307 -8.95 -24.40 34.72
N ILE A 308 -7.67 -24.66 34.42
CA ILE A 308 -6.83 -23.61 33.87
C ILE A 308 -7.34 -23.20 32.50
N ARG A 309 -7.79 -24.17 31.69
CA ARG A 309 -8.40 -23.83 30.41
C ARG A 309 -9.67 -23.00 30.59
N ASP A 310 -10.50 -23.38 31.57
CA ASP A 310 -11.78 -22.69 31.76
C ASP A 310 -11.59 -21.27 32.28
N GLU A 311 -10.47 -20.99 32.95
CA GLU A 311 -10.20 -19.61 33.32
C GLU A 311 -10.08 -18.71 32.08
N PHE A 312 -9.24 -19.11 31.13
CA PHE A 312 -9.10 -18.35 29.89
C PHE A 312 -10.39 -18.36 29.09
N LEU A 313 -11.12 -19.49 29.12
CA LEU A 313 -12.40 -19.55 28.41
C LEU A 313 -13.40 -18.57 29.01
N ARG A 314 -13.43 -18.44 30.34
CA ARG A 314 -14.31 -17.48 30.98
C ARG A 314 -13.93 -16.06 30.62
N ILE A 315 -12.62 -15.77 30.58
CA ILE A 315 -12.18 -14.44 30.14
C ILE A 315 -12.64 -14.18 28.71
N SER A 316 -12.48 -15.16 27.83
CA SER A 316 -12.85 -14.98 26.43
C SER A 316 -14.36 -14.79 26.26
N THR A 317 -15.15 -15.56 26.99
CA THR A 317 -16.60 -15.53 26.85
C THR A 317 -17.27 -14.45 27.69
N ALA A 318 -16.52 -13.76 28.56
CA ALA A 318 -17.12 -12.67 29.33
C ALA A 318 -17.63 -11.57 28.41
N SER A 319 -16.82 -11.18 27.42
CA SER A 319 -17.25 -10.21 26.41
C SER A 319 -16.51 -10.55 25.12
N GLY A 320 -17.17 -11.34 24.27
CA GLY A 320 -16.56 -11.76 23.02
C GLY A 320 -17.28 -11.22 21.81
N ASP A 321 -18.57 -10.91 21.96
CA ASP A 321 -19.46 -10.35 20.94
C ASP A 321 -19.68 -11.31 19.77
N GLY A 322 -19.12 -12.52 19.83
CA GLY A 322 -19.28 -13.46 18.74
C GLY A 322 -18.62 -13.03 17.44
N ARG A 323 -17.46 -12.39 17.53
CA ARG A 323 -16.77 -11.93 16.33
C ARG A 323 -15.34 -12.47 16.31
N HIS A 324 -14.78 -12.73 17.48
CA HIS A 324 -13.50 -13.40 17.60
C HIS A 324 -13.60 -14.48 18.68
N TYR A 325 -12.90 -15.60 18.45
CA TYR A 325 -13.08 -16.79 19.26
C TYR A 325 -11.74 -17.28 19.80
N CYS A 326 -11.80 -17.98 20.92
CA CYS A 326 -10.62 -18.55 21.57
C CYS A 326 -10.58 -20.05 21.33
N TYR A 327 -9.39 -20.57 21.09
CA TYR A 327 -9.16 -21.99 20.78
C TYR A 327 -8.12 -22.55 21.74
N PRO A 328 -8.50 -22.83 22.98
CA PRO A 328 -7.53 -23.38 23.93
C PRO A 328 -7.07 -24.76 23.52
N HIS A 329 -5.78 -25.02 23.73
CA HIS A 329 -5.17 -26.31 23.39
C HIS A 329 -4.22 -26.71 24.50
N PHE A 330 -4.07 -28.03 24.68
CA PHE A 330 -3.11 -28.59 25.62
C PHE A 330 -1.97 -29.20 24.83
N THR A 331 -0.74 -28.76 25.11
CA THR A 331 0.41 -29.17 24.31
C THR A 331 1.67 -29.04 25.15
N CYS A 332 2.74 -29.64 24.68
CA CYS A 332 4.03 -29.58 25.33
C CYS A 332 5.10 -29.13 24.35
N SER A 333 6.32 -28.93 24.87
CA SER A 333 7.44 -28.54 24.01
C SER A 333 7.79 -29.61 22.99
N VAL A 334 7.76 -30.88 23.39
CA VAL A 334 8.08 -31.97 22.47
C VAL A 334 6.92 -32.33 21.55
N ASP A 335 5.73 -31.77 21.78
CA ASP A 335 4.57 -32.06 20.94
C ASP A 335 4.82 -31.46 19.56
N THR A 336 5.09 -32.32 18.58
CA THR A 336 5.46 -31.83 17.25
C THR A 336 4.26 -31.39 16.42
N GLU A 337 3.06 -31.85 16.75
CA GLU A 337 1.86 -31.47 15.99
C GLU A 337 1.20 -30.21 16.55
N ASN A 338 2.00 -29.15 16.70
CA ASN A 338 1.47 -27.83 17.03
C ASN A 338 1.20 -26.99 15.79
N ALA A 339 1.96 -27.21 14.72
CA ALA A 339 1.64 -26.56 13.45
C ALA A 339 0.32 -27.05 12.88
N ARG A 340 0.00 -28.33 13.07
CA ARG A 340 -1.29 -28.83 12.61
C ARG A 340 -2.44 -28.22 13.39
N ARG A 341 -2.27 -28.04 14.70
CA ARG A 341 -3.29 -27.38 15.50
C ARG A 341 -3.48 -25.93 15.07
N ILE A 342 -2.38 -25.23 14.81
CA ILE A 342 -2.47 -23.86 14.29
C ILE A 342 -3.19 -23.84 12.96
N PHE A 343 -2.88 -24.80 12.09
CA PHE A 343 -3.54 -24.89 10.80
C PHE A 343 -5.04 -25.08 10.94
N ASN A 344 -5.45 -26.01 11.81
CA ASN A 344 -6.87 -26.28 12.00
C ASN A 344 -7.58 -25.07 12.60
N ASP A 345 -6.97 -24.44 13.60
CA ASP A 345 -7.58 -23.28 14.22
C ASP A 345 -7.69 -22.12 13.24
N CYS A 346 -6.66 -21.89 12.42
CA CYS A 346 -6.73 -20.82 11.43
C CYS A 346 -7.76 -21.12 10.36
N ARG A 347 -7.89 -22.40 9.98
CA ARG A 347 -8.94 -22.79 9.05
C ARG A 347 -10.31 -22.46 9.62
N ASP A 348 -10.54 -22.82 10.88
CA ASP A 348 -11.83 -22.50 11.52
C ASP A 348 -12.03 -20.99 11.61
N ILE A 349 -10.97 -20.24 11.93
CA ILE A 349 -11.10 -18.79 12.10
C ILE A 349 -11.48 -18.14 10.77
N ILE A 350 -10.77 -18.48 9.69
CA ILE A 350 -11.06 -17.88 8.40
C ILE A 350 -12.42 -18.34 7.89
N GLN A 351 -12.78 -19.60 8.13
CA GLN A 351 -14.09 -20.09 7.72
C GLN A 351 -15.20 -19.33 8.42
N ARG A 352 -15.07 -19.12 9.73
CA ARG A 352 -16.07 -18.35 10.46
C ARG A 352 -16.09 -16.89 10.03
N MET A 353 -14.91 -16.33 9.73
CA MET A 353 -14.85 -14.95 9.25
C MET A 353 -15.58 -14.79 7.95
N HIS A 354 -15.40 -15.74 7.02
CA HIS A 354 -16.12 -15.68 5.75
C HIS A 354 -17.61 -15.94 5.93
N LEU A 355 -17.98 -16.83 6.86
CA LEU A 355 -19.40 -17.06 7.12
C LEU A 355 -20.07 -15.81 7.67
N ARG A 356 -19.39 -15.10 8.59
CA ARG A 356 -19.92 -13.83 9.07
C ARG A 356 -19.97 -12.79 7.96
N GLN A 357 -18.95 -12.76 7.11
CA GLN A 357 -18.92 -11.81 6.00
C GLN A 357 -20.06 -12.07 5.03
N TYR A 358 -20.39 -13.35 4.82
CA TYR A 358 -21.50 -13.73 3.95
C TYR A 358 -22.82 -13.85 4.70
N GLU A 359 -22.85 -13.45 5.98
CA GLU A 359 -24.04 -13.55 6.81
C GLU A 359 -24.55 -14.98 6.88
N LEU A 360 -23.64 -15.90 7.22
CA LEU A 360 -23.94 -17.31 7.41
C LEU A 360 -23.60 -17.77 8.83
N LEU A 361 -23.32 -16.83 9.72
CA LEU A 361 -22.95 -17.17 11.09
C LEU A 361 -23.09 -15.95 12.00
N GLU B 19 16.26 10.00 51.50
CA GLU B 19 16.55 11.05 50.53
C GLU B 19 15.43 11.17 49.50
N LEU B 20 14.75 10.04 49.25
CA LEU B 20 13.66 10.05 48.28
C LEU B 20 12.53 10.97 48.72
N ASP B 21 12.19 10.95 50.01
CA ASP B 21 11.05 11.72 50.50
C ASP B 21 11.22 13.21 50.24
N GLN B 22 12.41 13.74 50.55
CA GLN B 22 12.65 15.17 50.31
C GLN B 22 12.82 15.46 48.82
N LEU B 23 13.44 14.54 48.08
CA LEU B 23 13.69 14.78 46.66
C LEU B 23 12.40 14.87 45.87
N ARG B 24 11.45 13.96 46.13
CA ARG B 24 10.18 14.01 45.40
C ARG B 24 9.41 15.29 45.70
N GLN B 25 9.37 15.70 46.97
CA GLN B 25 8.66 16.93 47.34
C GLN B 25 9.32 18.15 46.72
N GLU B 26 10.66 18.19 46.71
CA GLU B 26 11.34 19.34 46.13
C GLU B 26 11.16 19.38 44.61
N ALA B 27 11.13 18.23 43.94
CA ALA B 27 10.85 18.21 42.51
C ALA B 27 9.41 18.66 42.23
N GLU B 28 8.47 18.23 43.07
CA GLU B 28 7.08 18.65 42.90
C GLU B 28 6.92 20.15 43.13
N GLN B 29 7.65 20.70 44.11
CA GLN B 29 7.65 22.15 44.31
C GLN B 29 8.28 22.87 43.14
N LEU B 30 9.34 22.30 42.56
CA LEU B 30 9.97 22.91 41.40
C LEU B 30 9.01 22.94 40.21
N LYS B 31 8.28 21.85 39.98
CA LYS B 31 7.31 21.87 38.90
C LYS B 31 6.14 22.81 39.21
N ASN B 32 5.79 22.96 40.49
CA ASN B 32 4.78 23.96 40.86
C ASN B 32 5.25 25.37 40.52
N GLN B 33 6.50 25.70 40.83
CA GLN B 33 6.98 27.05 40.55
C GLN B 33 7.16 27.25 39.04
N ILE B 34 7.49 26.17 38.31
CA ILE B 34 7.54 26.26 36.86
C ILE B 34 6.15 26.57 36.30
N ARG B 35 5.12 25.89 36.81
CA ARG B 35 3.75 26.17 36.39
C ARG B 35 3.32 27.58 36.79
N ASP B 36 3.76 28.05 37.96
CA ASP B 36 3.43 29.42 38.37
C ASP B 36 4.06 30.44 37.43
N ALA B 37 5.32 30.22 37.04
CA ALA B 37 5.95 31.10 36.05
C ALA B 37 5.23 31.02 34.72
N ARG B 38 4.80 29.81 34.33
CA ARG B 38 4.02 29.64 33.11
C ARG B 38 2.74 30.47 33.13
N LYS B 39 2.02 30.42 34.26
CA LYS B 39 0.80 31.20 34.40
C LYS B 39 1.10 32.70 34.40
N ALA B 40 2.19 33.10 35.05
CA ALA B 40 2.56 34.51 35.07
C ALA B 40 2.86 35.02 33.66
N CYS B 41 3.57 34.24 32.86
CA CYS B 41 3.84 34.60 31.48
C CYS B 41 2.59 34.54 30.60
N ALA B 42 1.54 33.86 31.05
CA ALA B 42 0.30 33.76 30.30
C ALA B 42 -0.63 34.91 30.71
N ASP B 43 -0.90 35.81 29.78
CA ASP B 43 -1.75 36.96 30.04
C ASP B 43 -2.93 37.06 29.08
N ALA B 44 -2.70 36.85 27.78
CA ALA B 44 -3.76 36.94 26.79
C ALA B 44 -3.57 35.83 25.76
N THR B 45 -4.66 35.12 25.46
CA THR B 45 -4.57 33.93 24.60
C THR B 45 -4.54 34.31 23.12
N LEU B 46 -3.99 33.41 22.31
CA LEU B 46 -3.85 33.64 20.86
C LEU B 46 -5.19 33.74 20.16
N SER B 47 -6.22 33.01 20.61
CA SER B 47 -7.51 33.04 19.92
C SER B 47 -8.14 34.43 19.99
N GLN B 48 -8.13 35.05 21.17
CA GLN B 48 -8.74 36.37 21.29
C GLN B 48 -7.90 37.45 20.62
N ILE B 49 -6.59 37.22 20.50
CA ILE B 49 -5.76 38.09 19.67
C ILE B 49 -6.16 37.97 18.21
N THR B 50 -6.47 36.75 17.77
CA THR B 50 -6.73 36.48 16.36
C THR B 50 -8.22 36.57 15.99
N ASN B 51 -9.09 36.98 16.90
CA ASN B 51 -10.46 37.27 16.47
C ASN B 51 -10.50 38.42 15.47
N ASN B 52 -9.63 39.42 15.62
CA ASN B 52 -9.70 40.59 14.76
C ASN B 52 -9.37 40.25 13.31
N ILE B 53 -8.39 39.39 13.08
CA ILE B 53 -7.99 39.06 11.72
C ILE B 53 -9.06 38.18 11.06
N ASP B 54 -9.16 38.28 9.75
CA ASP B 54 -10.18 37.57 9.00
C ASP B 54 -9.83 36.09 8.89
N PRO B 55 -10.74 35.18 9.24
CA PRO B 55 -10.45 33.74 9.10
C PRO B 55 -10.37 33.34 7.64
N VAL B 56 -9.65 32.25 7.39
CA VAL B 56 -9.54 31.70 6.05
C VAL B 56 -10.89 31.20 5.56
N GLY B 57 -11.80 30.83 6.47
CA GLY B 57 -13.12 30.38 6.09
C GLY B 57 -13.18 28.91 5.73
N ARG B 58 -13.59 28.62 4.49
CA ARG B 58 -13.73 27.25 4.01
C ARG B 58 -12.81 27.03 2.82
N ILE B 59 -12.09 25.92 2.83
CA ILE B 59 -11.18 25.56 1.74
C ILE B 59 -11.67 24.26 1.13
N GLN B 60 -11.74 24.23 -0.19
CA GLN B 60 -12.19 23.05 -0.93
C GLN B 60 -10.96 22.35 -1.49
N MET B 61 -10.46 21.38 -0.75
CA MET B 61 -9.32 20.57 -1.17
C MET B 61 -9.84 19.25 -1.73
N ARG B 62 -9.44 18.91 -2.94
CA ARG B 62 -9.92 17.72 -3.62
C ARG B 62 -8.76 16.75 -3.86
N THR B 63 -9.11 15.49 -4.09
CA THR B 63 -8.12 14.45 -4.31
C THR B 63 -7.51 14.64 -5.70
N ARG B 64 -6.39 15.36 -5.75
CA ARG B 64 -5.75 15.61 -7.03
C ARG B 64 -5.11 14.35 -7.60
N ARG B 65 -4.63 13.46 -6.73
CA ARG B 65 -4.02 12.23 -7.20
C ARG B 65 -4.25 11.11 -6.18
N THR B 66 -4.29 9.89 -6.67
CA THR B 66 -4.38 8.70 -5.83
C THR B 66 -3.24 7.76 -6.21
N LEU B 67 -2.47 7.35 -5.22
CA LEU B 67 -1.27 6.54 -5.43
C LEU B 67 -1.56 5.13 -4.94
N ARG B 68 -1.44 4.16 -5.84
CA ARG B 68 -1.84 2.77 -5.63
C ARG B 68 -0.64 1.86 -5.80
N GLY B 69 -0.60 0.78 -5.02
CA GLY B 69 0.48 -0.18 -5.15
C GLY B 69 0.91 -0.82 -3.85
N HIS B 70 0.52 -0.22 -2.72
CA HIS B 70 0.85 -0.81 -1.43
C HIS B 70 -0.09 -1.97 -1.13
N LEU B 71 0.49 -3.10 -0.74
CA LEU B 71 -0.30 -4.28 -0.44
C LEU B 71 -1.10 -4.10 0.84
N ALA B 72 -0.40 -3.83 1.94
CA ALA B 72 -1.02 -3.62 3.25
C ALA B 72 -1.11 -2.13 3.55
N LYS B 73 -1.61 -1.83 4.74
CA LYS B 73 -1.86 -0.44 5.13
C LYS B 73 -0.55 0.34 5.21
N ILE B 74 -0.64 1.63 4.97
CA ILE B 74 0.52 2.52 4.98
C ILE B 74 0.68 3.09 6.38
N TYR B 75 1.90 3.00 6.92
CA TYR B 75 2.17 3.52 8.26
C TYR B 75 3.01 4.78 8.30
N ALA B 76 3.72 5.12 7.22
CA ALA B 76 4.54 6.31 7.23
C ALA B 76 4.66 6.86 5.81
N MET B 77 5.01 8.15 5.73
CA MET B 77 5.31 8.78 4.45
C MET B 77 6.15 10.01 4.73
N HIS B 78 6.90 10.44 3.72
CA HIS B 78 7.71 11.65 3.83
C HIS B 78 7.85 12.28 2.47
N TRP B 79 8.13 13.58 2.46
CA TRP B 79 8.30 14.35 1.24
C TRP B 79 9.76 14.69 1.04
N GLY B 80 10.19 14.80 -0.22
CA GLY B 80 11.53 15.21 -0.51
C GLY B 80 11.69 16.72 -0.56
N THR B 81 12.92 17.17 -0.34
CA THR B 81 13.22 18.59 -0.50
C THR B 81 13.05 19.02 -1.94
N ASP B 82 13.21 18.08 -2.88
CA ASP B 82 12.92 18.36 -4.28
C ASP B 82 11.44 18.59 -4.53
N SER B 83 10.59 18.30 -3.54
CA SER B 83 9.15 18.55 -3.57
C SER B 83 8.40 17.69 -4.57
N ARG B 84 9.07 16.72 -5.18
CA ARG B 84 8.45 15.87 -6.19
C ARG B 84 8.29 14.43 -5.73
N LEU B 85 9.34 13.82 -5.19
CA LEU B 85 9.30 12.42 -4.79
C LEU B 85 8.85 12.29 -3.35
N LEU B 86 8.18 11.17 -3.06
CA LEU B 86 7.78 10.85 -1.69
C LEU B 86 7.86 9.34 -1.50
N VAL B 87 8.29 8.94 -0.31
CA VAL B 87 8.45 7.53 0.04
C VAL B 87 7.41 7.15 1.07
N SER B 88 6.76 6.00 0.86
CA SER B 88 5.72 5.51 1.76
C SER B 88 6.02 4.08 2.16
N ALA B 89 5.80 3.78 3.44
CA ALA B 89 6.13 2.48 4.01
C ALA B 89 4.87 1.71 4.37
N SER B 90 4.87 0.41 4.06
CA SER B 90 3.76 -0.46 4.44
C SER B 90 4.30 -1.71 5.11
N GLN B 91 3.49 -2.30 6.00
CA GLN B 91 4.03 -3.46 6.72
C GLN B 91 4.04 -4.71 5.87
N ASP B 92 3.65 -4.63 4.61
CA ASP B 92 3.86 -5.76 3.70
C ASP B 92 5.29 -5.82 3.20
N GLY B 93 6.18 -4.99 3.73
CA GLY B 93 7.59 -5.07 3.42
C GLY B 93 8.05 -4.20 2.28
N LYS B 94 7.31 -3.15 1.94
CA LYS B 94 7.67 -2.29 0.83
C LYS B 94 7.79 -0.84 1.28
N LEU B 95 8.89 -0.21 0.89
CA LEU B 95 9.04 1.23 0.83
C LEU B 95 8.91 1.64 -0.63
N ILE B 96 7.78 2.23 -1.00
CA ILE B 96 7.55 2.65 -2.38
C ILE B 96 7.89 4.13 -2.50
N ILE B 97 8.83 4.45 -3.37
CA ILE B 97 9.21 5.82 -3.68
C ILE B 97 8.53 6.19 -4.99
N TRP B 98 7.66 7.19 -4.93
CA TRP B 98 6.79 7.57 -6.03
C TRP B 98 7.32 8.79 -6.75
N ASP B 99 6.71 9.09 -7.89
CA ASP B 99 6.83 10.39 -8.54
C ASP B 99 5.45 11.03 -8.45
N SER B 100 5.33 12.05 -7.59
CA SER B 100 4.01 12.51 -7.17
C SER B 100 3.17 13.01 -8.33
N TYR B 101 3.75 13.83 -9.21
CA TYR B 101 2.97 14.42 -10.29
C TYR B 101 2.52 13.36 -11.29
N THR B 102 3.42 12.46 -11.67
CA THR B 102 3.13 11.43 -12.66
C THR B 102 2.57 10.16 -12.04
N THR B 103 2.52 10.06 -10.71
CA THR B 103 1.94 8.93 -9.98
C THR B 103 2.81 7.69 -10.17
N ASN B 104 3.86 7.81 -10.98
CA ASN B 104 4.74 6.70 -11.28
C ASN B 104 5.52 6.28 -10.03
N LYS B 105 6.00 5.04 -10.04
CA LYS B 105 6.79 4.49 -8.95
C LYS B 105 8.26 4.55 -9.35
N VAL B 106 9.05 5.29 -8.58
CA VAL B 106 10.48 5.39 -8.84
C VAL B 106 11.24 4.21 -8.27
N HIS B 107 10.84 3.73 -7.09
CA HIS B 107 11.49 2.61 -6.44
C HIS B 107 10.48 1.80 -5.66
N ALA B 108 10.76 0.50 -5.50
CA ALA B 108 9.97 -0.38 -4.65
C ALA B 108 10.96 -1.21 -3.83
N ILE B 109 11.37 -0.68 -2.70
CA ILE B 109 12.38 -1.30 -1.86
C ILE B 109 11.75 -2.40 -1.01
N PRO B 110 12.21 -3.64 -1.13
CA PRO B 110 11.72 -4.70 -0.22
C PRO B 110 12.54 -4.74 1.06
N LEU B 111 11.88 -4.84 2.20
CA LEU B 111 12.52 -4.77 3.50
C LEU B 111 12.83 -6.16 4.03
N ARG B 112 13.77 -6.21 4.98
CA ARG B 112 14.13 -7.46 5.64
C ARG B 112 13.26 -7.74 6.86
N SER B 113 12.33 -6.85 7.20
CA SER B 113 11.42 -7.05 8.31
C SER B 113 10.16 -6.23 8.04
N SER B 114 9.07 -6.91 7.73
CA SER B 114 7.86 -6.25 7.26
C SER B 114 6.98 -5.76 8.40
N TRP B 115 7.52 -4.90 9.26
CA TRP B 115 6.75 -4.24 10.31
C TRP B 115 7.19 -2.78 10.44
N VAL B 116 7.32 -2.11 9.31
CA VAL B 116 7.85 -0.76 9.26
C VAL B 116 6.74 0.23 9.61
N MET B 117 7.04 1.16 10.51
CA MET B 117 6.16 2.27 10.84
C MET B 117 6.80 3.62 10.59
N THR B 118 8.05 3.66 10.12
CA THR B 118 8.78 4.90 9.98
C THR B 118 9.41 4.96 8.59
N CYS B 119 9.52 6.17 8.06
CA CYS B 119 10.30 6.39 6.86
C CYS B 119 10.67 7.86 6.77
N ALA B 120 11.89 8.13 6.33
CA ALA B 120 12.41 9.49 6.24
C ALA B 120 13.19 9.63 4.95
N TYR B 121 12.62 10.38 4.00
CA TYR B 121 13.32 10.68 2.76
C TYR B 121 14.37 11.74 3.06
N ALA B 122 15.63 11.47 2.68
CA ALA B 122 16.70 12.38 3.04
C ALA B 122 16.52 13.73 2.34
N PRO B 123 16.95 14.82 2.98
CA PRO B 123 16.82 16.13 2.33
C PRO B 123 17.57 16.22 1.01
N SER B 124 18.72 15.55 0.90
CA SER B 124 19.44 15.52 -0.37
C SER B 124 18.81 14.55 -1.37
N GLY B 125 17.97 13.63 -0.89
CA GLY B 125 17.34 12.65 -1.75
C GLY B 125 18.15 11.40 -2.00
N ASN B 126 19.36 11.30 -1.44
CA ASN B 126 20.19 10.13 -1.69
C ASN B 126 19.73 8.93 -0.88
N TYR B 127 19.23 9.14 0.34
CA TYR B 127 18.95 8.06 1.26
C TYR B 127 17.49 8.07 1.70
N VAL B 128 17.03 6.92 2.15
CA VAL B 128 15.68 6.75 2.71
C VAL B 128 15.79 5.86 3.93
N ALA B 129 15.16 6.28 5.03
CA ALA B 129 15.21 5.52 6.27
C ALA B 129 13.93 4.72 6.44
N CYS B 130 14.02 3.69 7.28
CA CYS B 130 12.85 2.92 7.69
C CYS B 130 13.15 2.24 9.01
N GLY B 131 12.10 1.81 9.68
CA GLY B 131 12.26 1.13 10.96
C GLY B 131 10.89 0.84 11.55
N GLY B 132 10.91 0.10 12.65
CA GLY B 132 9.67 -0.27 13.31
C GLY B 132 9.86 -1.33 14.37
N LEU B 133 9.03 -2.37 14.33
CA LEU B 133 9.16 -3.47 15.27
C LEU B 133 10.46 -4.25 15.10
N ASP B 134 11.17 -4.06 13.99
CA ASP B 134 12.43 -4.73 13.75
C ASP B 134 13.55 -4.29 14.69
N ASN B 135 13.37 -3.21 15.43
CA ASN B 135 14.32 -2.62 16.36
C ASN B 135 15.54 -2.02 15.66
N ILE B 136 15.59 -2.02 14.34
CA ILE B 136 16.75 -1.58 13.58
C ILE B 136 16.32 -0.55 12.57
N CYS B 137 17.05 0.56 12.50
CA CYS B 137 16.78 1.61 11.51
C CYS B 137 17.62 1.30 10.27
N SER B 138 16.95 1.00 9.17
CA SER B 138 17.61 0.65 7.93
C SER B 138 17.64 1.87 7.03
N ILE B 139 18.85 2.27 6.62
CA ILE B 139 19.06 3.39 5.71
C ILE B 139 19.45 2.81 4.36
N TYR B 140 18.73 3.24 3.32
CA TYR B 140 18.88 2.72 1.97
C TYR B 140 19.38 3.82 1.06
N ASN B 141 20.43 3.54 0.30
CA ASN B 141 20.92 4.51 -0.67
C ASN B 141 20.22 4.34 -2.02
N LEU B 142 19.97 5.47 -2.67
CA LEU B 142 19.18 5.51 -3.90
C LEU B 142 20.00 5.79 -5.15
N LYS B 143 21.13 6.47 -5.02
CA LYS B 143 21.98 6.82 -6.15
C LYS B 143 23.27 6.02 -6.05
N THR B 144 23.39 5.00 -6.89
CA THR B 144 24.52 4.07 -6.83
C THR B 144 25.02 3.81 -8.25
N ARG B 145 26.26 3.32 -8.33
CA ARG B 145 26.81 2.93 -9.62
C ARG B 145 26.00 1.81 -10.26
N GLU B 146 25.63 0.80 -9.48
CA GLU B 146 24.72 -0.24 -9.93
C GLU B 146 23.28 0.19 -9.69
N GLY B 147 22.39 -0.25 -10.57
CA GLY B 147 21.00 0.15 -10.47
C GLY B 147 20.17 -0.73 -9.57
N ASN B 148 20.04 -0.31 -8.31
CA ASN B 148 19.26 -0.98 -7.28
C ASN B 148 19.38 -0.13 -6.02
N VAL B 149 18.45 -0.34 -5.10
CA VAL B 149 18.44 0.35 -3.82
C VAL B 149 18.89 -0.66 -2.78
N ARG B 150 20.18 -0.68 -2.48
CA ARG B 150 20.74 -1.61 -1.50
C ARG B 150 20.72 -0.98 -0.11
N VAL B 151 20.83 -1.84 0.89
CA VAL B 151 20.81 -1.38 2.28
C VAL B 151 22.12 -0.64 2.54
N SER B 152 22.05 0.68 2.65
CA SER B 152 23.25 1.46 2.93
C SER B 152 23.80 1.13 4.32
N ARG B 153 22.94 1.08 5.33
CA ARG B 153 23.38 0.75 6.68
C ARG B 153 22.21 0.21 7.49
N GLU B 154 22.54 -0.53 8.54
CA GLU B 154 21.58 -1.09 9.49
C GLU B 154 22.00 -0.64 10.88
N LEU B 155 21.30 0.36 11.42
CA LEU B 155 21.62 0.92 12.72
C LEU B 155 20.85 0.16 13.79
N ALA B 156 21.56 -0.51 14.68
CA ALA B 156 20.97 -1.25 15.78
C ALA B 156 21.40 -0.64 17.11
N GLY B 157 20.55 -0.79 18.12
CA GLY B 157 20.83 -0.18 19.41
C GLY B 157 19.62 0.35 20.14
N HIS B 158 18.45 0.27 19.50
CA HIS B 158 17.20 0.58 20.18
C HIS B 158 16.57 -0.68 20.74
N THR B 159 16.35 -0.69 22.05
CA THR B 159 15.62 -1.79 22.67
C THR B 159 14.18 -1.83 22.19
N GLY B 160 13.52 -0.68 22.14
CA GLY B 160 12.14 -0.63 21.71
C GLY B 160 11.98 -0.37 20.23
N TYR B 161 10.76 -0.63 19.75
CA TYR B 161 10.45 -0.47 18.33
C TYR B 161 10.70 0.97 17.88
N LEU B 162 11.24 1.12 16.67
CA LEU B 162 11.44 2.44 16.11
C LEU B 162 10.09 3.06 15.74
N SER B 163 9.78 4.20 16.34
CA SER B 163 8.50 4.85 16.13
C SER B 163 8.59 6.08 15.24
N CYS B 164 9.75 6.72 15.15
CA CYS B 164 9.95 7.78 14.18
C CYS B 164 11.42 7.88 13.82
N CYS B 165 11.69 8.42 12.64
CA CYS B 165 13.06 8.66 12.20
C CYS B 165 13.06 9.85 11.25
N ARG B 166 14.06 10.71 11.39
CA ARG B 166 14.15 11.92 10.58
C ARG B 166 15.61 12.22 10.28
N PHE B 167 15.91 12.43 9.00
CA PHE B 167 17.26 12.78 8.58
C PHE B 167 17.59 14.22 8.93
N LEU B 168 18.84 14.46 9.33
CA LEU B 168 19.40 15.81 9.40
C LEU B 168 20.13 16.14 8.11
N ASP B 169 21.05 15.27 7.70
CA ASP B 169 21.74 15.35 6.43
C ASP B 169 22.04 13.93 5.98
N ASP B 170 22.94 13.78 5.00
CA ASP B 170 23.26 12.46 4.48
C ASP B 170 24.00 11.59 5.49
N ASN B 171 24.67 12.17 6.48
CA ASN B 171 25.49 11.40 7.41
C ASN B 171 24.97 11.45 8.85
N GLN B 172 23.75 11.91 9.07
CA GLN B 172 23.18 11.96 10.41
C GLN B 172 21.68 11.72 10.33
N ILE B 173 21.13 11.15 11.40
CA ILE B 173 19.71 10.87 11.50
C ILE B 173 19.35 10.77 12.96
N VAL B 174 18.17 11.26 13.32
CA VAL B 174 17.66 11.21 14.68
C VAL B 174 16.45 10.29 14.70
N THR B 175 16.46 9.32 15.60
CA THR B 175 15.39 8.34 15.71
C THR B 175 14.76 8.40 17.08
N SER B 176 13.48 8.05 17.15
CA SER B 176 12.73 7.96 18.40
C SER B 176 12.11 6.57 18.45
N SER B 177 12.42 5.81 19.50
CA SER B 177 12.07 4.40 19.54
C SER B 177 11.12 4.11 20.69
N GLY B 178 10.71 2.84 20.78
CA GLY B 178 9.84 2.37 21.84
C GLY B 178 10.53 2.18 23.17
N ASP B 179 11.84 2.39 23.23
CA ASP B 179 12.60 2.33 24.47
C ASP B 179 12.47 3.63 25.27
N THR B 180 11.46 4.44 24.96
CA THR B 180 11.25 5.74 25.60
C THR B 180 12.45 6.66 25.41
N THR B 181 13.23 6.42 24.35
CA THR B 181 14.46 7.17 24.11
C THR B 181 14.57 7.56 22.65
N CYS B 182 15.35 8.61 22.41
CA CYS B 182 15.73 9.04 21.08
C CYS B 182 17.24 8.90 20.94
N ALA B 183 17.70 8.68 19.73
CA ALA B 183 19.13 8.52 19.45
C ALA B 183 19.52 9.38 18.26
N LEU B 184 20.51 10.23 18.46
CA LEU B 184 21.20 10.91 17.36
C LEU B 184 22.29 9.98 16.85
N TRP B 185 22.12 9.49 15.62
CA TRP B 185 23.00 8.50 15.03
C TRP B 185 24.07 9.17 14.19
N ASP B 186 24.98 8.35 13.66
CA ASP B 186 25.95 8.81 12.66
C ASP B 186 26.08 7.70 11.62
N ILE B 187 25.70 8.02 10.38
CA ILE B 187 25.63 6.98 9.35
C ILE B 187 27.01 6.41 9.04
N GLU B 188 28.04 7.24 9.04
CA GLU B 188 29.37 6.78 8.67
C GLU B 188 29.89 5.73 9.65
N THR B 189 29.87 6.06 10.95
CA THR B 189 30.40 5.12 11.94
C THR B 189 29.42 3.97 12.20
N GLY B 190 28.12 4.26 12.16
CA GLY B 190 27.11 3.25 12.39
C GLY B 190 26.66 3.10 13.83
N GLN B 191 27.26 3.84 14.76
CA GLN B 191 26.86 3.78 16.16
C GLN B 191 26.18 5.08 16.59
N GLN B 192 25.55 5.02 17.75
CA GLN B 192 24.87 6.20 18.29
C GLN B 192 25.87 7.29 18.63
N THR B 193 25.48 8.53 18.36
CA THR B 193 26.28 9.70 18.71
C THR B 193 25.77 10.38 19.98
N THR B 194 24.46 10.54 20.12
CA THR B 194 23.89 11.16 21.31
C THR B 194 22.65 10.39 21.73
N THR B 195 22.37 10.39 23.03
CA THR B 195 21.20 9.73 23.59
C THR B 195 20.30 10.76 24.27
N PHE B 196 19.01 10.72 23.94
CA PHE B 196 18.00 11.62 24.51
C PHE B 196 17.09 10.75 25.37
N THR B 197 17.17 10.93 26.68
CA THR B 197 16.37 10.17 27.63
C THR B 197 15.69 11.13 28.60
N GLY B 198 14.59 10.65 29.18
CA GLY B 198 13.82 11.47 30.11
C GLY B 198 12.33 11.28 29.92
N HIS B 199 11.95 10.48 28.93
CA HIS B 199 10.55 10.23 28.64
C HIS B 199 10.09 8.99 29.40
N THR B 200 8.95 9.11 30.07
CA THR B 200 8.39 7.96 30.78
C THR B 200 7.81 6.94 29.81
N GLY B 201 6.82 7.35 29.02
CA GLY B 201 6.27 6.49 27.99
C GLY B 201 7.15 6.44 26.76
N ASP B 202 6.81 5.52 25.86
CA ASP B 202 7.56 5.35 24.63
C ASP B 202 7.25 6.48 23.65
N VAL B 203 8.29 7.10 23.12
CA VAL B 203 8.12 8.18 22.16
C VAL B 203 7.64 7.62 20.83
N MET B 204 6.63 8.26 20.24
CA MET B 204 6.00 7.75 19.02
C MET B 204 6.24 8.60 17.79
N SER B 205 6.74 9.82 17.93
CA SER B 205 6.98 10.67 16.77
C SER B 205 7.86 11.85 17.18
N LEU B 206 8.81 12.20 16.32
CA LEU B 206 9.62 13.39 16.48
C LEU B 206 9.55 14.22 15.21
N SER B 207 9.70 15.54 15.37
CA SER B 207 9.73 16.46 14.24
C SER B 207 10.90 17.41 14.41
N LEU B 208 11.54 17.77 13.30
CA LEU B 208 12.75 18.57 13.32
C LEU B 208 12.47 20.03 13.00
N ALA B 209 13.26 20.90 13.62
CA ALA B 209 13.19 22.32 13.32
C ALA B 209 13.80 22.60 11.94
N PRO B 210 13.35 23.65 11.26
CA PRO B 210 13.93 23.98 9.96
C PRO B 210 15.43 24.24 10.00
N ASP B 211 15.94 24.88 11.06
CA ASP B 211 17.37 25.08 11.18
C ASP B 211 18.11 23.83 11.64
N THR B 212 17.39 22.79 12.03
CA THR B 212 17.96 21.49 12.39
C THR B 212 18.97 21.64 13.53
N ARG B 213 18.49 22.20 14.64
CA ARG B 213 19.29 22.34 15.84
C ARG B 213 18.56 21.73 17.03
N LEU B 214 17.23 21.76 17.00
CA LEU B 214 16.40 21.19 18.05
C LEU B 214 15.25 20.43 17.41
N PHE B 215 14.73 19.46 18.15
CA PHE B 215 13.60 18.69 17.66
C PHE B 215 12.65 18.37 18.80
N VAL B 216 11.36 18.25 18.46
CA VAL B 216 10.33 17.95 19.44
C VAL B 216 9.87 16.50 19.23
N SER B 217 9.89 15.73 20.31
CA SER B 217 9.45 14.34 20.31
C SER B 217 8.31 14.15 21.29
N GLY B 218 7.27 13.45 20.85
CA GLY B 218 6.11 13.21 21.69
C GLY B 218 5.97 11.77 22.13
N ALA B 219 5.91 11.54 23.44
CA ALA B 219 5.83 10.20 23.98
C ALA B 219 4.40 9.87 24.41
N CYS B 220 4.22 8.71 25.02
CA CYS B 220 2.94 8.28 25.54
C CYS B 220 2.72 8.68 27.00
N ASP B 221 3.67 9.40 27.59
CA ASP B 221 3.48 9.97 28.90
C ASP B 221 2.71 11.28 28.86
N ALA B 222 2.02 11.55 27.75
CA ALA B 222 1.21 12.76 27.57
C ALA B 222 2.05 14.02 27.77
N SER B 223 3.25 13.99 27.19
CA SER B 223 4.17 15.12 27.30
C SER B 223 5.20 15.11 26.19
N ALA B 224 5.30 16.20 25.45
CA ALA B 224 6.32 16.34 24.42
C ALA B 224 7.58 16.97 25.02
N LYS B 225 8.70 16.80 24.33
CA LYS B 225 9.95 17.37 24.77
C LYS B 225 10.73 17.94 23.60
N LEU B 226 11.31 19.12 23.84
CA LEU B 226 12.21 19.80 22.93
C LEU B 226 13.64 19.47 23.35
N TRP B 227 14.36 18.81 22.44
CA TRP B 227 15.71 18.32 22.63
C TRP B 227 16.66 19.12 21.76
N ASP B 228 17.83 19.45 22.29
CA ASP B 228 18.89 20.05 21.49
C ASP B 228 19.79 18.95 20.95
N VAL B 229 19.99 18.94 19.63
CA VAL B 229 20.72 17.86 18.98
C VAL B 229 22.17 17.83 19.44
N ARG B 230 22.81 19.00 19.53
CA ARG B 230 24.25 19.05 19.76
C ARG B 230 24.60 18.72 21.21
N GLU B 231 24.11 19.51 22.16
CA GLU B 231 24.46 19.25 23.57
C GLU B 231 23.79 17.99 24.09
N GLY B 232 22.61 17.65 23.59
CA GLY B 232 22.01 16.36 23.89
C GLY B 232 21.22 16.28 25.18
N MET B 233 20.73 17.39 25.72
CA MET B 233 19.92 17.38 26.92
C MET B 233 18.52 17.89 26.62
N CYS B 234 17.58 17.49 27.47
CA CYS B 234 16.18 17.89 27.31
C CYS B 234 16.05 19.39 27.55
N ARG B 235 15.87 20.15 26.48
CA ARG B 235 15.78 21.60 26.60
C ARG B 235 14.48 22.02 27.29
N GLN B 236 13.36 21.44 26.88
CA GLN B 236 12.08 22.03 27.30
C GLN B 236 10.97 20.99 27.28
N THR B 237 10.36 20.72 28.43
CA THR B 237 9.25 19.77 28.50
C THR B 237 7.91 20.50 28.44
N PHE B 238 7.02 19.99 27.59
CA PHE B 238 5.68 20.53 27.43
C PHE B 238 4.67 19.46 27.81
N THR B 239 3.70 19.84 28.63
CA THR B 239 2.64 18.93 29.06
C THR B 239 1.29 19.62 28.87
N GLY B 240 0.23 18.83 29.00
CA GLY B 240 -1.11 19.36 28.85
C GLY B 240 -2.06 18.42 28.14
N HIS B 241 -1.55 17.27 27.70
CA HIS B 241 -2.37 16.25 27.05
C HIS B 241 -2.89 15.25 28.07
N GLU B 242 -4.06 14.70 27.78
CA GLU B 242 -4.67 13.70 28.64
C GLU B 242 -4.33 12.27 28.24
N SER B 243 -3.99 12.05 26.98
CA SER B 243 -3.74 10.70 26.49
C SER B 243 -2.40 10.60 25.77
N ASP B 244 -2.17 9.47 25.11
CA ASP B 244 -0.90 9.23 24.43
C ASP B 244 -0.75 10.17 23.25
N ILE B 245 0.44 10.75 23.09
CA ILE B 245 0.72 11.63 21.97
C ILE B 245 1.16 10.78 20.78
N ASN B 246 0.39 10.84 19.69
CA ASN B 246 0.65 10.04 18.51
C ASN B 246 1.42 10.80 17.43
N ALA B 247 1.12 12.07 17.23
CA ALA B 247 1.67 12.83 16.11
C ALA B 247 2.33 14.10 16.61
N ILE B 248 3.34 14.53 15.88
CA ILE B 248 4.06 15.76 16.19
C ILE B 248 4.47 16.42 14.87
N CYS B 249 4.36 17.75 14.82
CA CYS B 249 4.90 18.52 13.72
C CYS B 249 5.42 19.82 14.31
N PHE B 250 6.39 20.42 13.63
CA PHE B 250 7.07 21.58 14.18
C PHE B 250 6.74 22.79 13.31
N PHE B 251 6.33 23.88 13.94
CA PHE B 251 5.82 25.04 13.21
C PHE B 251 6.91 25.62 12.30
N PRO B 252 6.55 26.09 11.10
CA PRO B 252 7.57 26.58 10.16
C PRO B 252 8.36 27.78 10.68
N ASN B 253 7.81 28.54 11.63
CA ASN B 253 8.53 29.71 12.14
C ASN B 253 9.85 29.29 12.78
N GLY B 254 9.86 28.17 13.50
CA GLY B 254 11.02 27.73 14.22
C GLY B 254 10.94 27.87 15.72
N ASN B 255 9.81 28.36 16.24
CA ASN B 255 9.66 28.56 17.68
C ASN B 255 8.31 28.08 18.19
N ALA B 256 7.69 27.12 17.51
CA ALA B 256 6.42 26.55 17.93
C ALA B 256 6.28 25.17 17.29
N PHE B 257 5.27 24.44 17.73
CA PHE B 257 5.01 23.11 17.18
C PHE B 257 3.63 22.63 17.61
N ALA B 258 3.01 21.84 16.75
CA ALA B 258 1.73 21.21 17.06
C ALA B 258 1.92 19.75 17.41
N THR B 259 1.04 19.26 18.28
CA THR B 259 1.07 17.87 18.72
C THR B 259 -0.35 17.32 18.73
N GLY B 260 -0.46 16.02 18.48
CA GLY B 260 -1.76 15.38 18.40
C GLY B 260 -1.80 14.07 19.15
N SER B 261 -2.80 13.93 20.03
CA SER B 261 -2.89 12.81 20.96
C SER B 261 -4.11 11.96 20.65
N ASP B 262 -4.25 10.87 21.41
CA ASP B 262 -5.38 9.96 21.27
C ASP B 262 -6.70 10.56 21.79
N ASP B 263 -6.64 11.70 22.48
CA ASP B 263 -7.84 12.30 23.06
C ASP B 263 -8.62 13.15 22.07
N ALA B 264 -8.43 12.93 20.77
CA ALA B 264 -9.12 13.65 19.70
C ALA B 264 -8.86 15.14 19.72
N THR B 265 -7.86 15.59 20.48
CA THR B 265 -7.52 17.00 20.57
C THR B 265 -6.05 17.18 20.24
N CYS B 266 -5.76 18.04 19.28
CA CYS B 266 -4.40 18.48 18.99
C CYS B 266 -4.22 19.89 19.55
N ARG B 267 -2.97 20.26 19.80
CA ARG B 267 -2.73 21.56 20.41
C ARG B 267 -1.35 22.08 20.02
N LEU B 268 -1.20 23.39 20.09
CA LEU B 268 0.01 24.10 19.69
C LEU B 268 0.76 24.56 20.93
N PHE B 269 2.08 24.38 20.91
CA PHE B 269 2.97 24.84 21.96
C PHE B 269 4.00 25.78 21.36
N ASP B 270 4.53 26.68 22.19
CA ASP B 270 5.55 27.63 21.77
C ASP B 270 6.81 27.43 22.59
N LEU B 271 7.96 27.39 21.91
CA LEU B 271 9.22 27.14 22.60
C LEU B 271 9.59 28.28 23.54
N ARG B 272 9.58 29.51 23.03
CA ARG B 272 9.98 30.66 23.86
C ARG B 272 8.94 30.93 24.94
N ALA B 273 7.66 30.84 24.58
CA ALA B 273 6.59 31.07 25.56
C ALA B 273 6.48 29.93 26.56
N ASP B 274 6.82 28.70 26.16
CA ASP B 274 6.69 27.52 27.03
C ASP B 274 5.24 27.35 27.47
N GLN B 275 4.33 27.39 26.50
CA GLN B 275 2.91 27.49 26.78
C GLN B 275 2.11 26.48 25.97
N GLU B 276 0.95 26.13 26.51
CA GLU B 276 -0.08 25.39 25.79
C GLU B 276 -1.03 26.40 25.15
N LEU B 277 -0.87 26.62 23.85
CA LEU B 277 -1.75 27.53 23.13
C LEU B 277 -3.07 26.83 22.84
N MET B 278 -3.88 27.42 21.96
CA MET B 278 -5.23 26.91 21.71
C MET B 278 -5.22 25.44 21.32
N THR B 279 -6.24 24.73 21.79
CA THR B 279 -6.43 23.32 21.48
C THR B 279 -7.50 23.21 20.41
N TYR B 280 -7.14 22.63 19.28
CA TYR B 280 -8.07 22.47 18.15
C TYR B 280 -8.92 21.24 18.42
N SER B 281 -9.96 21.43 19.22
CA SER B 281 -10.84 20.36 19.65
C SER B 281 -12.25 20.63 19.14
N HIS B 282 -12.98 19.56 18.86
CA HIS B 282 -14.36 19.66 18.38
C HIS B 282 -15.16 18.51 18.96
N ASP B 283 -16.46 18.74 19.13
CA ASP B 283 -17.28 17.75 19.83
C ASP B 283 -17.53 16.50 19.00
N ASN B 284 -17.79 16.65 17.70
CA ASN B 284 -18.15 15.50 16.88
C ASN B 284 -17.00 14.51 16.74
N ILE B 285 -15.76 15.01 16.68
CA ILE B 285 -14.61 14.12 16.56
C ILE B 285 -14.29 13.52 17.92
N ILE B 286 -14.18 12.20 17.97
CA ILE B 286 -13.85 11.50 19.20
C ILE B 286 -12.62 10.62 19.07
N CYS B 287 -12.25 10.18 17.87
CA CYS B 287 -11.03 9.40 17.69
C CYS B 287 -9.82 10.32 17.67
N GLY B 288 -8.69 9.79 18.11
CA GLY B 288 -7.50 10.59 18.29
C GLY B 288 -6.81 10.96 16.99
N ILE B 289 -5.85 11.88 17.11
CA ILE B 289 -5.04 12.28 15.96
C ILE B 289 -3.92 11.28 15.76
N THR B 290 -3.64 10.94 14.51
CA THR B 290 -2.57 10.02 14.19
C THR B 290 -1.37 10.68 13.51
N SER B 291 -1.62 11.58 12.56
CA SER B 291 -0.54 12.33 11.91
C SER B 291 -0.96 13.79 11.80
N VAL B 292 -0.02 14.69 12.07
CA VAL B 292 -0.27 16.13 12.07
C VAL B 292 0.82 16.83 11.26
N SER B 293 0.45 17.96 10.67
CA SER B 293 1.39 18.74 9.87
C SER B 293 0.87 20.16 9.74
N PHE B 294 1.78 21.07 9.36
CA PHE B 294 1.45 22.45 9.06
C PHE B 294 1.59 22.72 7.56
N SER B 295 0.93 23.79 7.11
CA SER B 295 1.14 24.29 5.76
C SER B 295 2.42 25.13 5.72
N LYS B 296 2.73 25.66 4.53
CA LYS B 296 3.95 26.45 4.38
C LYS B 296 3.93 27.70 5.25
N SER B 297 2.80 28.41 5.27
CA SER B 297 2.72 29.65 6.05
C SER B 297 2.43 29.40 7.53
N GLY B 298 2.02 28.19 7.88
CA GLY B 298 1.64 27.88 9.25
C GLY B 298 0.22 28.23 9.61
N ARG B 299 -0.52 28.88 8.70
CA ARG B 299 -1.92 29.20 8.97
C ARG B 299 -2.78 27.94 9.08
N LEU B 300 -2.52 26.95 8.25
CA LEU B 300 -3.29 25.72 8.21
C LEU B 300 -2.61 24.63 9.02
N LEU B 301 -3.42 23.79 9.66
CA LEU B 301 -2.93 22.66 10.44
C LEU B 301 -3.73 21.44 10.03
N LEU B 302 -3.13 20.53 9.28
CA LEU B 302 -3.80 19.30 8.88
C LEU B 302 -3.52 18.23 9.93
N ALA B 303 -4.53 17.42 10.21
CA ALA B 303 -4.41 16.38 11.23
C ALA B 303 -5.27 15.20 10.85
N GLY B 304 -4.64 14.05 10.59
CA GLY B 304 -5.39 12.84 10.37
C GLY B 304 -5.94 12.27 11.66
N TYR B 305 -7.03 11.51 11.54
CA TYR B 305 -7.72 10.98 12.69
C TYR B 305 -7.96 9.49 12.52
N ASP B 306 -8.14 8.80 13.64
CA ASP B 306 -8.52 7.40 13.61
C ASP B 306 -9.93 7.18 13.09
N ASP B 307 -10.72 8.25 12.94
CA ASP B 307 -12.12 8.17 12.52
C ASP B 307 -12.31 8.43 11.04
N PHE B 308 -11.38 7.97 10.20
CA PHE B 308 -11.47 7.99 8.74
C PHE B 308 -11.28 9.37 8.16
N ASN B 309 -10.93 10.37 8.97
CA ASN B 309 -10.94 11.75 8.56
C ASN B 309 -9.57 12.37 8.71
N CYS B 310 -9.32 13.41 7.91
CA CYS B 310 -8.10 14.22 7.96
C CYS B 310 -8.54 15.67 8.01
N ASN B 311 -8.78 16.17 9.22
CA ASN B 311 -9.33 17.52 9.36
C ASN B 311 -8.27 18.57 9.08
N VAL B 312 -8.75 19.78 8.76
CA VAL B 312 -7.89 20.94 8.56
C VAL B 312 -8.39 22.05 9.47
N TRP B 313 -7.52 22.51 10.36
CA TRP B 313 -7.84 23.55 11.33
C TRP B 313 -7.12 24.84 10.96
N ASP B 314 -7.78 25.97 11.20
CA ASP B 314 -7.08 27.24 11.17
C ASP B 314 -6.22 27.35 12.42
N ALA B 315 -4.90 27.41 12.24
CA ALA B 315 -3.99 27.36 13.38
C ALA B 315 -4.14 28.54 14.31
N LEU B 316 -4.83 29.61 13.89
CA LEU B 316 -5.04 30.78 14.73
C LEU B 316 -6.48 30.99 15.12
N LYS B 317 -7.41 30.18 14.60
CA LYS B 317 -8.83 30.31 14.91
C LYS B 317 -9.40 29.14 15.69
N ALA B 318 -8.72 27.99 15.70
CA ALA B 318 -9.18 26.79 16.40
C ALA B 318 -10.55 26.35 15.91
N ASP B 319 -10.79 26.49 14.61
CA ASP B 319 -12.03 26.03 14.00
C ASP B 319 -11.71 25.10 12.84
N ARG B 320 -12.60 24.12 12.63
CA ARG B 320 -12.40 23.15 11.56
C ARG B 320 -12.63 23.83 10.22
N ALA B 321 -11.55 24.32 9.61
CA ALA B 321 -11.65 25.06 8.34
C ALA B 321 -11.65 24.04 7.20
N GLY B 322 -12.77 23.34 7.07
CA GLY B 322 -12.94 22.40 5.99
C GLY B 322 -12.86 20.96 6.46
N VAL B 323 -13.61 20.09 5.78
CA VAL B 323 -13.61 18.66 6.05
C VAL B 323 -12.95 17.98 4.86
N LEU B 324 -11.97 17.13 5.13
CA LEU B 324 -11.12 16.61 4.06
C LEU B 324 -11.09 15.08 4.09
N ALA B 325 -12.28 14.48 4.12
CA ALA B 325 -12.41 13.03 4.06
C ALA B 325 -12.00 12.51 2.69
N GLY B 326 -12.07 11.19 2.54
CA GLY B 326 -11.73 10.57 1.27
C GLY B 326 -10.97 9.27 1.42
N HIS B 327 -10.66 8.89 2.65
CA HIS B 327 -9.94 7.66 2.95
C HIS B 327 -10.89 6.64 3.55
N ASP B 328 -10.78 5.40 3.09
CA ASP B 328 -11.67 4.33 3.50
C ASP B 328 -11.19 3.59 4.74
N ASN B 329 -10.09 4.03 5.35
CA ASN B 329 -9.60 3.41 6.57
C ASN B 329 -8.87 4.48 7.39
N ARG B 330 -8.24 4.04 8.47
CA ARG B 330 -7.55 4.95 9.38
C ARG B 330 -6.46 5.71 8.65
N VAL B 331 -6.44 7.04 8.83
CA VAL B 331 -5.40 7.89 8.25
C VAL B 331 -4.20 7.81 9.20
N SER B 332 -3.10 7.24 8.72
CA SER B 332 -1.90 7.05 9.53
C SER B 332 -0.74 7.92 9.10
N CYS B 333 -0.84 8.61 7.96
CA CYS B 333 0.27 9.37 7.44
C CYS B 333 -0.22 10.74 6.97
N LEU B 334 0.70 11.69 6.92
CA LEU B 334 0.39 13.05 6.50
C LEU B 334 1.71 13.75 6.19
N GLY B 335 1.60 14.94 5.60
CA GLY B 335 2.76 15.74 5.31
C GLY B 335 2.52 16.72 4.17
N VAL B 336 2.99 17.94 4.35
CA VAL B 336 2.79 19.01 3.39
C VAL B 336 4.09 19.18 2.61
N THR B 337 3.96 19.28 1.29
CA THR B 337 5.14 19.39 0.42
C THR B 337 5.93 20.65 0.79
N ASP B 338 7.26 20.54 0.69
CA ASP B 338 8.13 21.61 1.19
C ASP B 338 7.85 22.93 0.51
N ASP B 339 7.38 22.90 -0.74
CA ASP B 339 6.97 24.13 -1.39
C ASP B 339 5.54 24.53 -1.06
N GLY B 340 4.82 23.69 -0.30
CA GLY B 340 3.46 23.98 0.09
C GLY B 340 2.43 23.73 -0.98
N MET B 341 2.82 23.14 -2.11
CA MET B 341 1.89 23.00 -3.23
C MET B 341 0.75 22.04 -2.90
N ALA B 342 1.05 20.93 -2.23
CA ALA B 342 0.04 19.92 -1.96
C ALA B 342 0.40 19.15 -0.70
N VAL B 343 -0.59 18.45 -0.16
CA VAL B 343 -0.45 17.65 1.04
C VAL B 343 -0.73 16.20 0.68
N ALA B 344 0.14 15.29 1.11
CA ALA B 344 -0.06 13.87 0.87
C ALA B 344 -0.55 13.21 2.15
N THR B 345 -1.59 12.39 2.02
CA THR B 345 -2.20 11.69 3.15
C THR B 345 -2.14 10.20 2.87
N GLY B 346 -1.51 9.45 3.77
CA GLY B 346 -1.44 8.01 3.70
C GLY B 346 -2.31 7.41 4.78
N SER B 347 -3.15 6.43 4.41
CA SER B 347 -4.09 5.85 5.40
C SER B 347 -3.91 4.33 5.47
N TRP B 348 -4.84 3.63 6.13
CA TRP B 348 -4.74 2.15 6.28
C TRP B 348 -5.42 1.48 5.08
N ASP B 349 -5.98 2.26 4.15
CA ASP B 349 -6.62 1.69 2.95
C ASP B 349 -5.53 1.32 1.94
N SER B 350 -4.26 1.39 2.33
CA SER B 350 -3.13 1.09 1.45
C SER B 350 -3.10 1.98 0.21
N PHE B 351 -3.67 3.18 0.29
CA PHE B 351 -3.66 4.11 -0.83
C PHE B 351 -3.17 5.47 -0.35
N LEU B 352 -2.18 6.02 -1.03
CA LEU B 352 -1.80 7.41 -0.78
C LEU B 352 -2.75 8.33 -1.55
N LYS B 353 -2.87 9.56 -1.06
CA LYS B 353 -3.75 10.52 -1.72
C LYS B 353 -3.13 11.91 -1.64
N ILE B 354 -2.87 12.51 -2.81
CA ILE B 354 -2.28 13.84 -2.90
C ILE B 354 -3.40 14.84 -3.13
N TRP B 355 -3.44 15.86 -2.28
CA TRP B 355 -4.58 16.76 -2.11
C TRP B 355 -4.11 18.20 -2.24
N ASN B 356 -4.92 19.01 -2.91
CA ASN B 356 -4.59 20.43 -3.11
C ASN B 356 -5.85 21.27 -3.07
N SER C 150 -60.08 -4.77 -22.75
CA SER C 150 -58.98 -5.15 -21.86
C SER C 150 -57.90 -4.07 -21.84
N ASN C 151 -58.31 -2.82 -22.09
CA ASN C 151 -57.34 -1.72 -22.07
C ASN C 151 -56.78 -1.51 -20.67
N ASP C 152 -57.61 -1.66 -19.63
CA ASP C 152 -57.13 -1.54 -18.27
C ASP C 152 -56.11 -2.63 -17.93
N VAL C 153 -56.35 -3.86 -18.40
CA VAL C 153 -55.39 -4.93 -18.18
C VAL C 153 -54.07 -4.61 -18.89
N ARG C 154 -54.15 -4.11 -20.11
CA ARG C 154 -52.95 -3.72 -20.85
C ARG C 154 -52.17 -2.64 -20.10
N ALA C 155 -52.88 -1.63 -19.58
CA ALA C 155 -52.23 -0.56 -18.85
C ALA C 155 -51.59 -1.06 -17.56
N SER C 156 -52.27 -1.96 -16.84
CA SER C 156 -51.73 -2.48 -15.60
C SER C 156 -50.48 -3.33 -15.87
N LEU C 157 -50.52 -4.17 -16.90
CA LEU C 157 -49.35 -4.97 -17.25
C LEU C 157 -48.19 -4.07 -17.67
N TYR C 158 -48.47 -3.03 -18.45
CA TYR C 158 -47.43 -2.09 -18.84
C TYR C 158 -46.82 -1.40 -17.63
N SER C 159 -47.67 -1.00 -16.67
CA SER C 159 -47.16 -0.35 -15.47
C SER C 159 -46.27 -1.31 -14.66
N LEU C 160 -46.70 -2.56 -14.53
CA LEU C 160 -45.92 -3.54 -13.78
C LEU C 160 -44.58 -3.80 -14.46
N MET C 161 -44.58 -3.94 -15.78
CA MET C 161 -43.34 -4.19 -16.51
C MET C 161 -42.42 -2.97 -16.49
N VAL C 162 -42.98 -1.76 -16.54
CA VAL C 162 -42.16 -0.55 -16.37
C VAL C 162 -41.52 -0.56 -14.99
N LEU C 163 -42.29 -0.92 -13.96
CA LEU C 163 -41.74 -0.99 -12.61
C LEU C 163 -40.57 -1.97 -12.55
N ILE C 164 -40.74 -3.16 -13.13
CA ILE C 164 -39.70 -4.17 -13.09
C ILE C 164 -38.45 -3.68 -13.83
N ILE C 165 -38.63 -3.15 -15.03
CA ILE C 165 -37.48 -2.69 -15.82
C ILE C 165 -36.76 -1.56 -15.11
N LEU C 166 -37.50 -0.59 -14.58
CA LEU C 166 -36.88 0.52 -13.88
C LEU C 166 -36.14 0.07 -12.64
N THR C 167 -36.72 -0.85 -11.85
CA THR C 167 -36.06 -1.24 -10.62
C THR C 167 -34.82 -2.07 -10.90
N THR C 168 -34.86 -2.95 -11.90
CA THR C 168 -33.64 -3.71 -12.23
C THR C 168 -32.56 -2.76 -12.76
N LEU C 169 -32.95 -1.80 -13.59
CA LEU C 169 -31.97 -0.85 -14.12
C LEU C 169 -31.31 -0.06 -12.99
N VAL C 170 -32.11 0.48 -12.07
CA VAL C 170 -31.55 1.33 -11.03
C VAL C 170 -30.72 0.51 -10.05
N GLY C 171 -31.20 -0.68 -9.66
CA GLY C 171 -30.42 -1.50 -8.75
C GLY C 171 -29.09 -1.93 -9.34
N ASN C 172 -29.12 -2.41 -10.58
CA ASN C 172 -27.87 -2.80 -11.23
C ASN C 172 -26.94 -1.62 -11.46
N LEU C 173 -27.47 -0.44 -11.80
CA LEU C 173 -26.62 0.73 -11.94
C LEU C 173 -25.96 1.11 -10.61
N ILE C 174 -26.72 1.04 -9.52
CA ILE C 174 -26.18 1.32 -8.19
C ILE C 174 -25.03 0.36 -7.90
N VAL C 175 -25.26 -0.93 -8.15
CA VAL C 175 -24.21 -1.92 -7.87
C VAL C 175 -22.98 -1.65 -8.74
N ILE C 176 -23.20 -1.37 -10.03
CA ILE C 176 -22.09 -1.16 -10.95
C ILE C 176 -21.25 0.02 -10.52
N VAL C 177 -21.89 1.14 -10.19
CA VAL C 177 -21.15 2.33 -9.79
C VAL C 177 -20.47 2.11 -8.45
N SER C 178 -21.12 1.34 -7.56
CA SER C 178 -20.54 1.10 -6.24
C SER C 178 -19.23 0.33 -6.35
N ILE C 179 -19.22 -0.78 -7.09
CA ILE C 179 -17.94 -1.49 -7.27
C ILE C 179 -16.96 -0.71 -8.14
N SER C 180 -17.40 -0.13 -9.26
CA SER C 180 -16.47 0.54 -10.16
C SER C 180 -15.89 1.82 -9.59
N HIS C 181 -16.48 2.38 -8.53
CA HIS C 181 -15.96 3.58 -7.91
C HIS C 181 -15.24 3.31 -6.60
N PHE C 182 -15.85 2.57 -5.69
CA PHE C 182 -15.28 2.38 -4.36
C PHE C 182 -14.00 1.57 -4.43
N LYS C 183 -12.94 2.07 -3.80
CA LYS C 183 -11.66 1.38 -3.79
C LYS C 183 -11.64 0.22 -2.81
N GLN C 184 -12.53 0.23 -1.82
CA GLN C 184 -12.66 -0.88 -0.89
C GLN C 184 -13.43 -2.06 -1.46
N LEU C 185 -14.25 -1.84 -2.49
CA LEU C 185 -15.06 -2.88 -3.11
C LEU C 185 -14.44 -3.39 -4.40
N HIS C 186 -13.11 -3.39 -4.50
CA HIS C 186 -12.40 -3.90 -5.65
C HIS C 186 -11.97 -5.36 -5.48
N THR C 187 -12.54 -6.06 -4.51
CA THR C 187 -12.20 -7.46 -4.29
C THR C 187 -12.70 -8.31 -5.45
N PRO C 188 -12.02 -9.43 -5.73
CA PRO C 188 -12.44 -10.28 -6.86
C PRO C 188 -13.88 -10.76 -6.78
N THR C 189 -14.37 -11.11 -5.58
CA THR C 189 -15.77 -11.47 -5.45
C THR C 189 -16.67 -10.28 -5.77
N ASN C 190 -16.25 -9.08 -5.39
CA ASN C 190 -16.97 -7.89 -5.79
C ASN C 190 -16.88 -7.64 -7.29
N TRP C 191 -15.81 -8.11 -7.95
CA TRP C 191 -15.77 -8.06 -9.40
C TRP C 191 -16.78 -9.02 -10.02
N LEU C 192 -16.95 -10.20 -9.43
CA LEU C 192 -18.02 -11.08 -9.89
C LEU C 192 -19.38 -10.43 -9.70
N ILE C 193 -19.59 -9.78 -8.56
CA ILE C 193 -20.85 -9.08 -8.32
C ILE C 193 -21.07 -7.97 -9.35
N HIS C 194 -20.01 -7.22 -9.65
CA HIS C 194 -20.11 -6.13 -10.61
C HIS C 194 -20.41 -6.66 -12.02
N SER C 195 -19.76 -7.75 -12.42
CA SER C 195 -20.04 -8.33 -13.72
C SER C 195 -21.47 -8.86 -13.81
N MET C 196 -21.94 -9.49 -12.72
CA MET C 196 -23.33 -9.92 -12.66
C MET C 196 -24.28 -8.74 -12.81
N ALA C 197 -24.02 -7.66 -12.08
CA ALA C 197 -24.88 -6.48 -12.16
C ALA C 197 -24.84 -5.86 -13.55
N THR C 198 -23.67 -5.89 -14.19
CA THR C 198 -23.56 -5.42 -15.57
C THR C 198 -24.40 -6.28 -16.50
N VAL C 199 -24.39 -7.60 -16.30
CA VAL C 199 -25.20 -8.49 -17.13
C VAL C 199 -26.68 -8.16 -16.97
N ASP C 200 -27.14 -8.01 -15.73
CA ASP C 200 -28.56 -7.70 -15.54
C ASP C 200 -28.91 -6.30 -16.02
N PHE C 201 -27.99 -5.34 -15.91
CA PHE C 201 -28.25 -4.00 -16.42
C PHE C 201 -28.37 -3.99 -17.92
N LEU C 202 -27.48 -4.70 -18.62
CA LEU C 202 -27.58 -4.83 -20.06
C LEU C 202 -28.86 -5.56 -20.46
N LEU C 203 -29.25 -6.58 -19.68
CA LEU C 203 -30.49 -7.30 -19.96
C LEU C 203 -31.68 -6.36 -19.85
N GLY C 204 -31.75 -5.58 -18.76
CA GLY C 204 -32.84 -4.63 -18.59
C GLY C 204 -32.83 -3.50 -19.60
N CYS C 205 -31.66 -3.11 -20.09
CA CYS C 205 -31.58 -2.05 -21.08
C CYS C 205 -31.95 -2.55 -22.46
N LEU C 206 -31.64 -3.80 -22.78
CA LEU C 206 -31.77 -4.31 -24.14
C LEU C 206 -33.03 -5.14 -24.36
N VAL C 207 -33.20 -6.23 -23.61
CA VAL C 207 -34.17 -7.25 -23.98
C VAL C 207 -35.48 -7.10 -23.22
N MET C 208 -35.44 -6.64 -21.97
CA MET C 208 -36.70 -6.40 -21.26
C MET C 208 -37.58 -5.35 -21.91
N PRO C 209 -37.08 -4.18 -22.32
CA PRO C 209 -38.00 -3.17 -22.89
C PRO C 209 -38.70 -3.64 -24.16
N TYR C 210 -38.05 -4.48 -24.97
CA TYR C 210 -38.66 -4.89 -26.22
C TYR C 210 -39.33 -6.26 -26.14
N SER C 211 -39.00 -7.07 -25.13
CA SER C 211 -39.86 -8.19 -24.79
C SER C 211 -41.11 -7.73 -24.06
N MET C 212 -41.09 -6.51 -23.53
CA MET C 212 -42.27 -5.90 -22.94
C MET C 212 -43.39 -5.75 -23.96
N VAL C 213 -43.05 -5.20 -25.14
CA VAL C 213 -44.06 -4.94 -26.16
C VAL C 213 -44.66 -6.25 -26.65
N ARG C 214 -43.85 -7.30 -26.74
CA ARG C 214 -44.37 -8.61 -27.12
C ARG C 214 -45.39 -9.11 -26.12
N SER C 215 -45.12 -8.94 -24.82
CA SER C 215 -46.08 -9.32 -23.80
C SER C 215 -47.29 -8.42 -23.84
N ALA C 216 -48.46 -8.99 -23.57
CA ALA C 216 -49.77 -8.35 -23.55
C ALA C 216 -50.24 -7.91 -24.94
N GLU C 217 -49.42 -8.11 -25.98
CA GLU C 217 -49.81 -7.77 -27.34
C GLU C 217 -49.66 -8.91 -28.32
N HIS C 218 -48.80 -9.89 -28.03
CA HIS C 218 -48.58 -11.04 -28.91
C HIS C 218 -48.17 -10.59 -30.31
N CYS C 219 -47.35 -9.55 -30.37
CA CYS C 219 -46.92 -8.98 -31.64
C CYS C 219 -45.49 -8.49 -31.52
N TRP C 220 -44.75 -8.61 -32.61
CA TRP C 220 -43.38 -8.09 -32.72
C TRP C 220 -43.40 -6.94 -33.71
N TYR C 221 -43.32 -5.71 -33.20
CA TYR C 221 -43.40 -4.54 -34.06
C TYR C 221 -42.18 -4.39 -34.96
N PHE C 222 -41.09 -5.06 -34.65
CA PHE C 222 -39.88 -4.97 -35.46
C PHE C 222 -39.76 -6.18 -36.39
N GLY C 223 -38.71 -6.16 -37.22
CA GLY C 223 -38.51 -7.20 -38.21
C GLY C 223 -37.82 -8.42 -37.64
N GLU C 224 -37.89 -9.52 -38.41
CA GLU C 224 -37.27 -10.76 -37.99
C GLU C 224 -35.75 -10.62 -37.88
N VAL C 225 -35.17 -9.74 -38.70
CA VAL C 225 -33.73 -9.52 -38.65
C VAL C 225 -33.31 -9.03 -37.27
N PHE C 226 -34.07 -8.07 -36.71
CA PHE C 226 -33.77 -7.65 -35.34
C PHE C 226 -34.25 -8.69 -34.32
N CYS C 227 -35.26 -9.49 -34.69
CA CYS C 227 -35.75 -10.52 -33.77
C CYS C 227 -34.66 -11.55 -33.47
N LYS C 228 -33.87 -11.91 -34.47
CA LYS C 228 -32.81 -12.89 -34.25
C LYS C 228 -31.79 -12.37 -33.23
N ILE C 229 -31.31 -11.14 -33.41
CA ILE C 229 -30.38 -10.57 -32.44
C ILE C 229 -31.04 -10.35 -31.09
N HIS C 230 -32.33 -10.02 -31.05
CA HIS C 230 -33.00 -9.84 -29.77
C HIS C 230 -33.05 -11.14 -28.99
N THR C 231 -33.43 -12.24 -29.65
CA THR C 231 -33.43 -13.54 -29.00
C THR C 231 -32.01 -13.95 -28.60
N SER C 232 -31.04 -13.68 -29.46
CA SER C 232 -29.65 -13.99 -29.16
C SER C 232 -29.20 -13.28 -27.89
N THR C 233 -29.47 -11.97 -27.81
CA THR C 233 -29.06 -11.18 -26.66
C THR C 233 -29.80 -11.61 -25.40
N ASP C 234 -31.10 -11.92 -25.55
CA ASP C 234 -31.90 -12.38 -24.40
C ASP C 234 -31.25 -13.64 -23.82
N ILE C 235 -31.07 -14.66 -24.66
CA ILE C 235 -30.50 -15.93 -24.21
C ILE C 235 -29.09 -15.72 -23.66
N MET C 236 -28.29 -14.89 -24.35
CA MET C 236 -26.94 -14.61 -23.90
C MET C 236 -26.93 -14.03 -22.50
N LEU C 237 -27.73 -13.00 -22.26
CA LEU C 237 -27.66 -12.29 -20.99
C LEU C 237 -28.28 -13.11 -19.87
N SER C 238 -29.34 -13.87 -20.16
CA SER C 238 -29.92 -14.72 -19.13
C SER C 238 -28.96 -15.84 -18.73
N SER C 239 -28.36 -16.51 -19.72
CA SER C 239 -27.39 -17.56 -19.41
C SER C 239 -26.16 -16.98 -18.73
N ALA C 240 -25.77 -15.75 -19.10
CA ALA C 240 -24.65 -15.10 -18.43
C ALA C 240 -24.97 -14.81 -16.98
N SER C 241 -26.20 -14.37 -16.69
CA SER C 241 -26.57 -14.14 -15.30
C SER C 241 -26.58 -15.44 -14.51
N ILE C 242 -27.10 -16.51 -15.10
CA ILE C 242 -27.11 -17.80 -14.41
C ILE C 242 -25.69 -18.29 -14.16
N PHE C 243 -24.81 -18.15 -15.15
CA PHE C 243 -23.41 -18.53 -14.99
C PHE C 243 -22.74 -17.70 -13.91
N HIS C 244 -23.06 -16.41 -13.85
CA HIS C 244 -22.49 -15.55 -12.81
C HIS C 244 -22.96 -15.98 -11.42
N LEU C 245 -24.23 -16.35 -11.29
CA LEU C 245 -24.71 -16.88 -10.01
C LEU C 245 -23.97 -18.15 -9.63
N SER C 246 -23.79 -19.05 -10.61
CA SER C 246 -23.08 -20.30 -10.33
C SER C 246 -21.64 -20.04 -9.93
N PHE C 247 -20.96 -19.11 -10.59
CA PHE C 247 -19.57 -18.82 -10.26
C PHE C 247 -19.44 -18.10 -8.94
N ILE C 248 -20.41 -17.27 -8.57
CA ILE C 248 -20.44 -16.68 -7.23
C ILE C 248 -20.60 -17.77 -6.19
N SER C 249 -21.46 -18.76 -6.47
CA SER C 249 -21.60 -19.90 -5.57
C SER C 249 -20.28 -20.64 -5.42
N ILE C 250 -19.58 -20.86 -6.54
CA ILE C 250 -18.28 -21.55 -6.47
C ILE C 250 -17.28 -20.74 -5.66
N ASP C 251 -17.29 -19.42 -5.83
CA ASP C 251 -16.41 -18.56 -5.05
C ASP C 251 -16.70 -18.66 -3.56
N ARG C 252 -17.98 -18.65 -3.19
CA ARG C 252 -18.33 -18.80 -1.78
C ARG C 252 -18.00 -20.19 -1.27
N TYR C 253 -18.08 -21.21 -2.12
CA TYR C 253 -17.67 -22.55 -1.75
C TYR C 253 -16.18 -22.57 -1.40
N TYR C 254 -15.36 -21.97 -2.25
CA TYR C 254 -13.93 -21.92 -1.94
C TYR C 254 -13.65 -21.02 -0.75
N ALA C 255 -14.53 -20.05 -0.47
CA ALA C 255 -14.32 -19.16 0.65
C ALA C 255 -14.60 -19.84 1.99
N VAL C 256 -15.67 -20.62 2.07
CA VAL C 256 -16.07 -21.22 3.34
C VAL C 256 -15.93 -22.74 3.32
N CYS C 257 -15.13 -23.28 2.40
CA CYS C 257 -14.83 -24.71 2.40
C CYS C 257 -13.33 -24.92 2.30
N ASP C 258 -12.63 -23.95 1.69
CA ASP C 258 -11.18 -23.90 1.65
C ASP C 258 -10.75 -22.52 2.10
N PRO C 259 -11.06 -22.15 3.35
CA PRO C 259 -10.86 -20.75 3.77
C PRO C 259 -9.42 -20.29 3.73
N LEU C 260 -8.46 -21.17 4.03
CA LEU C 260 -7.07 -20.75 4.06
C LEU C 260 -6.54 -20.49 2.65
N ARG C 261 -6.81 -21.40 1.72
CA ARG C 261 -6.42 -21.22 0.33
C ARG C 261 -7.54 -20.59 -0.49
N TYR C 262 -8.05 -19.45 -0.03
CA TYR C 262 -9.12 -18.74 -0.72
C TYR C 262 -8.62 -17.50 -1.43
N LYS C 263 -7.95 -16.59 -0.70
CA LYS C 263 -7.45 -15.37 -1.30
C LYS C 263 -6.38 -15.63 -2.34
N ALA C 264 -5.80 -16.83 -2.36
CA ALA C 264 -4.83 -17.22 -3.38
C ALA C 264 -5.50 -17.89 -4.57
N LYS C 265 -6.28 -18.95 -4.31
CA LYS C 265 -6.96 -19.65 -5.39
C LYS C 265 -7.98 -18.77 -6.08
N MET C 266 -8.75 -18.00 -5.31
CA MET C 266 -9.76 -17.11 -5.86
C MET C 266 -9.20 -15.70 -6.08
N ASN C 267 -8.10 -15.61 -6.83
CA ASN C 267 -7.48 -14.33 -7.12
C ASN C 267 -8.21 -13.64 -8.27
N ILE C 268 -7.72 -12.47 -8.66
CA ILE C 268 -8.38 -11.68 -9.69
C ILE C 268 -8.28 -12.36 -11.05
N LEU C 269 -7.23 -13.16 -11.28
CA LEU C 269 -7.09 -13.83 -12.57
C LEU C 269 -8.17 -14.89 -12.76
N VAL C 270 -8.41 -15.70 -11.73
CA VAL C 270 -9.44 -16.75 -11.83
C VAL C 270 -10.81 -16.11 -11.98
N ILE C 271 -11.05 -15.00 -11.29
CA ILE C 271 -12.33 -14.32 -11.41
C ILE C 271 -12.50 -13.72 -12.80
N CYS C 272 -11.42 -13.20 -13.38
CA CYS C 272 -11.49 -12.69 -14.75
C CYS C 272 -11.80 -13.82 -15.73
N VAL C 273 -11.19 -14.99 -15.54
CA VAL C 273 -11.52 -16.15 -16.36
C VAL C 273 -13.00 -16.52 -16.17
N MET C 274 -13.51 -16.45 -14.95
CA MET C 274 -14.91 -16.75 -14.69
C MET C 274 -15.82 -15.79 -15.43
N ILE C 275 -15.51 -14.49 -15.40
CA ILE C 275 -16.34 -13.51 -16.10
C ILE C 275 -16.26 -13.71 -17.60
N PHE C 276 -15.07 -14.02 -18.11
CA PHE C 276 -14.92 -14.27 -19.54
C PHE C 276 -15.74 -15.48 -19.98
N ILE C 277 -15.73 -16.55 -19.18
CA ILE C 277 -16.53 -17.72 -19.49
C ILE C 277 -18.02 -17.37 -19.46
N SER C 278 -18.44 -16.65 -18.43
CA SER C 278 -19.85 -16.29 -18.28
C SER C 278 -20.33 -15.40 -19.42
N TRP C 279 -19.44 -14.60 -20.00
CA TRP C 279 -19.80 -13.75 -21.11
C TRP C 279 -19.65 -14.42 -22.47
N SER C 280 -18.79 -15.44 -22.59
CA SER C 280 -18.49 -16.06 -23.87
C SER C 280 -19.29 -17.32 -24.14
N VAL C 281 -19.33 -18.26 -23.20
CA VAL C 281 -20.05 -19.51 -23.43
C VAL C 281 -21.53 -19.26 -23.71
N PRO C 282 -22.25 -18.43 -22.93
CA PRO C 282 -23.61 -18.08 -23.36
C PRO C 282 -23.66 -17.38 -24.71
N ALA C 283 -22.66 -16.56 -25.02
CA ALA C 283 -22.66 -15.85 -26.30
C ALA C 283 -22.59 -16.82 -27.47
N VAL C 284 -21.60 -17.71 -27.44
CA VAL C 284 -21.46 -18.68 -28.52
C VAL C 284 -22.66 -19.62 -28.54
N PHE C 285 -23.18 -19.98 -27.37
CA PHE C 285 -24.35 -20.86 -27.31
C PHE C 285 -25.54 -20.23 -28.02
N ALA C 286 -25.89 -19.00 -27.63
CA ALA C 286 -27.05 -18.34 -28.24
C ALA C 286 -26.83 -18.10 -29.73
N PHE C 287 -25.64 -17.61 -30.11
CA PHE C 287 -25.38 -17.32 -31.51
C PHE C 287 -25.46 -18.57 -32.36
N GLY C 288 -24.86 -19.67 -31.90
CA GLY C 288 -24.91 -20.90 -32.66
C GLY C 288 -26.24 -21.60 -32.61
N MET C 289 -27.07 -21.31 -31.62
CA MET C 289 -28.35 -22.00 -31.52
C MET C 289 -29.48 -21.28 -32.25
N ILE C 290 -29.42 -19.96 -32.38
CA ILE C 290 -30.47 -19.23 -33.09
C ILE C 290 -30.00 -18.69 -34.43
N PHE C 291 -28.72 -18.37 -34.60
CA PHE C 291 -28.21 -17.85 -35.86
C PHE C 291 -27.88 -18.94 -36.86
N LEU C 292 -27.31 -20.05 -36.38
CA LEU C 292 -26.95 -21.17 -37.26
C LEU C 292 -28.05 -22.21 -37.36
N GLU C 293 -29.20 -21.98 -36.73
CA GLU C 293 -30.41 -22.79 -36.89
C GLU C 293 -30.17 -24.24 -36.48
N LEU C 294 -29.70 -24.42 -35.25
CA LEU C 294 -29.63 -25.74 -34.65
C LEU C 294 -30.85 -26.10 -33.81
N ASN C 295 -31.79 -25.17 -33.65
CA ASN C 295 -33.03 -25.45 -32.93
C ASN C 295 -34.08 -26.01 -33.88
N GLY C 311 -47.01 -15.83 -30.65
CA GLY C 311 -46.55 -14.47 -30.45
C GLY C 311 -45.75 -13.92 -31.61
N GLY C 312 -45.27 -12.70 -31.46
CA GLY C 312 -44.48 -12.10 -32.53
C GLY C 312 -43.15 -12.79 -32.75
N CYS C 313 -42.46 -13.14 -31.65
CA CYS C 313 -41.17 -13.83 -31.71
C CYS C 313 -41.16 -14.96 -30.70
N SER C 314 -40.92 -16.17 -31.18
CA SER C 314 -40.74 -17.35 -30.32
C SER C 314 -39.89 -18.35 -31.07
N VAL C 315 -38.85 -18.85 -30.41
CA VAL C 315 -37.91 -19.79 -31.02
C VAL C 315 -38.52 -21.18 -30.95
N PHE C 316 -38.43 -21.92 -32.04
CA PHE C 316 -38.90 -23.30 -32.05
C PHE C 316 -37.90 -24.18 -31.33
N PHE C 317 -38.31 -24.74 -30.20
CA PHE C 317 -37.45 -25.61 -29.42
C PHE C 317 -37.70 -27.07 -29.81
N SER C 318 -36.61 -27.82 -29.92
CA SER C 318 -36.67 -29.21 -30.34
C SER C 318 -36.39 -30.12 -29.16
N LYS C 319 -36.53 -31.42 -29.39
CA LYS C 319 -36.24 -32.40 -28.33
C LYS C 319 -34.79 -32.31 -27.88
N ILE C 320 -33.86 -32.24 -28.82
CA ILE C 320 -32.45 -32.06 -28.46
C ILE C 320 -32.21 -30.65 -27.96
N SER C 321 -32.81 -29.65 -28.60
CA SER C 321 -32.53 -28.26 -28.26
C SER C 321 -32.96 -27.93 -26.84
N GLY C 322 -34.14 -28.38 -26.43
CA GLY C 322 -34.64 -28.06 -25.10
C GLY C 322 -33.77 -28.65 -24.00
N VAL C 323 -33.43 -29.94 -24.13
CA VAL C 323 -32.57 -30.58 -23.14
C VAL C 323 -31.17 -29.97 -23.16
N LEU C 324 -30.70 -29.58 -24.36
CA LEU C 324 -29.40 -28.92 -24.45
C LEU C 324 -29.39 -27.60 -23.70
N THR C 325 -30.51 -26.87 -23.78
CA THR C 325 -30.63 -25.59 -23.12
C THR C 325 -30.79 -25.75 -21.70
N PHE C 326 -31.42 -26.79 -21.24
CA PHE C 326 -31.54 -27.11 -19.82
C PHE C 326 -30.18 -27.47 -19.23
N MET C 327 -29.44 -28.36 -19.89
CA MET C 327 -28.13 -28.79 -19.41
C MET C 327 -27.10 -27.66 -19.40
N THR C 328 -26.99 -26.89 -20.48
CA THR C 328 -25.91 -25.93 -20.62
C THR C 328 -26.30 -24.50 -20.27
N SER C 329 -27.51 -24.26 -19.77
CA SER C 329 -27.90 -22.91 -19.41
C SER C 329 -28.47 -22.84 -18.00
N PHE C 330 -29.14 -23.90 -17.56
CA PHE C 330 -29.76 -23.88 -16.24
C PHE C 330 -29.32 -25.01 -15.33
N TYR C 331 -29.24 -26.25 -15.82
CA TYR C 331 -29.05 -27.39 -14.92
C TYR C 331 -27.64 -27.44 -14.35
N ILE C 332 -26.62 -27.26 -15.17
CA ILE C 332 -25.24 -27.26 -14.68
C ILE C 332 -25.06 -26.07 -13.73
N PRO C 333 -25.38 -24.81 -14.15
CA PRO C 333 -25.31 -23.69 -13.18
C PRO C 333 -26.45 -23.75 -12.19
N GLY C 334 -27.17 -24.86 -12.22
CA GLY C 334 -28.22 -25.23 -11.30
C GLY C 334 -27.66 -26.19 -10.27
N SER C 335 -27.70 -27.49 -10.56
CA SER C 335 -27.06 -28.53 -9.75
C SER C 335 -25.76 -28.08 -9.11
N ILE C 336 -24.87 -27.39 -9.85
CA ILE C 336 -23.63 -26.92 -9.24
C ILE C 336 -23.93 -26.00 -8.06
N MET C 337 -24.77 -24.99 -8.27
CA MET C 337 -25.12 -24.06 -7.20
C MET C 337 -25.81 -24.78 -6.05
N LEU C 338 -26.70 -25.71 -6.37
CA LEU C 338 -27.46 -26.42 -5.34
C LEU C 338 -26.55 -27.25 -4.45
N CYS C 339 -25.65 -28.03 -5.06
CA CYS C 339 -24.70 -28.82 -4.28
C CYS C 339 -23.77 -27.92 -3.47
N VAL C 340 -23.28 -26.84 -4.08
CA VAL C 340 -22.40 -25.92 -3.36
C VAL C 340 -23.10 -25.37 -2.13
N TYR C 341 -24.32 -24.85 -2.30
CA TYR C 341 -25.00 -24.23 -1.18
C TYR C 341 -25.49 -25.25 -0.17
N TYR C 342 -25.72 -26.49 -0.58
CA TYR C 342 -25.98 -27.55 0.40
C TYR C 342 -24.76 -27.77 1.27
N ARG C 343 -23.58 -27.84 0.66
CA ARG C 343 -22.35 -27.97 1.46
C ARG C 343 -22.16 -26.77 2.37
N ILE C 344 -22.44 -25.56 1.87
CA ILE C 344 -22.30 -24.36 2.67
C ILE C 344 -23.25 -24.39 3.86
N TYR C 345 -24.49 -24.83 3.61
CA TYR C 345 -25.47 -24.93 4.70
C TYR C 345 -25.03 -25.94 5.75
N LEU C 346 -24.51 -27.09 5.33
CA LEU C 346 -24.04 -28.09 6.29
C LEU C 346 -22.90 -27.52 7.14
N ILE C 347 -21.94 -26.87 6.49
CA ILE C 347 -20.78 -26.34 7.20
C ILE C 347 -21.20 -25.22 8.15
N ALA C 348 -22.08 -24.33 7.69
CA ALA C 348 -22.53 -23.23 8.53
C ALA C 348 -23.34 -23.73 9.71
N LYS C 349 -24.17 -24.76 9.49
CA LYS C 349 -24.92 -25.35 10.60
C LYS C 349 -23.97 -25.97 11.63
N GLU C 350 -22.95 -26.68 11.15
CA GLU C 350 -21.97 -27.27 12.07
C GLU C 350 -21.27 -26.19 12.88
N GLN C 351 -20.83 -25.12 12.22
CA GLN C 351 -20.12 -24.06 12.92
C GLN C 351 -21.03 -23.33 13.90
N ALA C 352 -22.28 -23.06 13.52
CA ALA C 352 -23.21 -22.39 14.42
C ALA C 352 -23.52 -23.25 15.63
N ARG C 353 -23.70 -24.56 15.43
CA ARG C 353 -23.93 -25.44 16.56
C ARG C 353 -22.72 -25.50 17.48
N LEU C 354 -21.51 -25.52 16.89
CA LEU C 354 -20.31 -25.53 17.71
C LEU C 354 -20.18 -24.26 18.53
N ILE C 355 -20.47 -23.11 17.94
CA ILE C 355 -20.40 -21.84 18.67
C ILE C 355 -21.45 -21.80 19.77
N SER C 356 -22.67 -22.28 19.47
CA SER C 356 -23.72 -22.28 20.48
C SER C 356 -23.35 -23.18 21.66
N ASP C 357 -22.77 -24.35 21.38
CA ASP C 357 -22.32 -25.22 22.45
C ASP C 357 -21.20 -24.58 23.25
N ALA C 358 -20.26 -23.91 22.57
CA ALA C 358 -19.14 -23.26 23.25
C ALA C 358 -19.55 -22.04 24.04
N ASN C 359 -20.78 -21.56 23.88
CA ASN C 359 -21.25 -20.39 24.61
C ASN C 359 -21.51 -20.74 26.08
N ARG C 378 -31.87 -19.37 12.85
CA ARG C 378 -30.50 -19.34 12.36
C ARG C 378 -30.37 -18.36 11.20
N LYS C 379 -29.25 -17.64 11.17
CA LYS C 379 -29.01 -16.67 10.11
C LYS C 379 -28.59 -17.35 8.81
N ALA C 380 -27.78 -18.42 8.91
CA ALA C 380 -27.29 -19.10 7.72
C ALA C 380 -28.42 -19.72 6.92
N VAL C 381 -29.38 -20.35 7.61
CA VAL C 381 -30.47 -21.00 6.89
C VAL C 381 -31.31 -19.96 6.16
N LYS C 382 -31.55 -18.81 6.77
CA LYS C 382 -32.32 -17.77 6.11
C LYS C 382 -31.57 -17.20 4.92
N THR C 383 -30.26 -16.93 5.09
CA THR C 383 -29.48 -16.36 4.00
C THR C 383 -29.45 -17.30 2.80
N LEU C 384 -29.08 -18.56 3.03
CA LEU C 384 -29.02 -19.51 1.93
C LEU C 384 -30.40 -19.81 1.37
N GLY C 385 -31.44 -19.78 2.20
CA GLY C 385 -32.79 -19.96 1.69
C GLY C 385 -33.18 -18.88 0.72
N ILE C 386 -32.91 -17.62 1.07
CA ILE C 386 -33.20 -16.53 0.14
C ILE C 386 -32.39 -16.69 -1.14
N VAL C 387 -31.08 -16.91 -1.00
CA VAL C 387 -30.18 -16.91 -2.16
C VAL C 387 -30.55 -18.02 -3.13
N MET C 388 -30.83 -19.22 -2.61
CA MET C 388 -31.21 -20.33 -3.48
C MET C 388 -32.65 -20.23 -3.94
N GLY C 389 -33.55 -19.76 -3.09
CA GLY C 389 -34.96 -19.74 -3.42
C GLY C 389 -35.30 -18.74 -4.51
N VAL C 390 -34.66 -17.57 -4.50
CA VAL C 390 -34.93 -16.61 -5.58
C VAL C 390 -34.63 -17.23 -6.94
N PHE C 391 -33.43 -17.81 -7.08
CA PHE C 391 -33.04 -18.43 -8.33
C PHE C 391 -33.94 -19.60 -8.68
N LEU C 392 -34.23 -20.46 -7.70
CA LEU C 392 -34.96 -21.70 -7.96
C LEU C 392 -36.47 -21.51 -8.06
N ILE C 393 -36.97 -20.31 -7.76
CA ILE C 393 -38.38 -20.01 -8.02
C ILE C 393 -38.54 -19.13 -9.25
N CYS C 394 -37.49 -18.40 -9.67
CA CYS C 394 -37.60 -17.59 -10.87
C CYS C 394 -37.18 -18.37 -12.12
N TRP C 395 -35.94 -18.85 -12.16
CA TRP C 395 -35.47 -19.50 -13.37
C TRP C 395 -36.00 -20.92 -13.53
N CYS C 396 -36.20 -21.64 -12.42
CA CYS C 396 -36.54 -23.06 -12.54
C CYS C 396 -37.85 -23.31 -13.28
N PRO C 397 -39.00 -22.78 -12.86
CA PRO C 397 -40.26 -23.16 -13.56
C PRO C 397 -40.23 -22.85 -15.05
N PHE C 398 -39.60 -21.75 -15.44
CA PHE C 398 -39.46 -21.42 -16.85
C PHE C 398 -38.73 -22.52 -17.60
N PHE C 399 -37.60 -22.98 -17.05
CA PHE C 399 -36.81 -23.99 -17.73
C PHE C 399 -37.52 -25.34 -17.74
N ILE C 400 -38.18 -25.71 -16.63
CA ILE C 400 -38.93 -26.96 -16.61
C ILE C 400 -40.01 -26.94 -17.67
N CYS C 401 -40.76 -25.82 -17.78
CA CYS C 401 -41.80 -25.74 -18.79
C CYS C 401 -41.22 -25.80 -20.20
N THR C 402 -40.14 -25.08 -20.45
CA THR C 402 -39.58 -25.01 -21.80
C THR C 402 -38.84 -26.27 -22.20
N VAL C 403 -38.50 -27.16 -21.27
CA VAL C 403 -37.96 -28.46 -21.65
C VAL C 403 -39.01 -29.56 -21.64
N MET C 404 -40.11 -29.39 -20.90
CA MET C 404 -41.23 -30.32 -21.03
C MET C 404 -41.99 -30.07 -22.32
N ASP C 405 -42.00 -28.84 -22.82
CA ASP C 405 -42.74 -28.54 -24.05
C ASP C 405 -42.29 -29.37 -25.24
N PRO C 406 -40.99 -29.52 -25.55
CA PRO C 406 -40.63 -30.34 -26.72
C PRO C 406 -40.71 -31.84 -26.45
N PHE C 407 -40.47 -32.26 -25.21
CA PHE C 407 -40.48 -33.68 -24.91
C PHE C 407 -41.86 -34.28 -25.14
N LEU C 408 -42.90 -33.67 -24.57
CA LEU C 408 -44.27 -34.04 -24.85
C LEU C 408 -44.79 -33.14 -25.98
N HIS C 409 -46.11 -33.15 -26.20
CA HIS C 409 -46.68 -32.37 -27.29
C HIS C 409 -46.49 -30.88 -27.06
N TYR C 410 -46.42 -30.12 -28.14
CA TYR C 410 -46.24 -28.67 -28.07
C TYR C 410 -47.56 -28.00 -27.70
N ILE C 411 -48.07 -28.37 -26.52
CA ILE C 411 -49.34 -27.85 -26.01
C ILE C 411 -49.06 -27.05 -24.76
N ILE C 412 -49.38 -25.76 -24.80
CA ILE C 412 -49.23 -24.85 -23.67
C ILE C 412 -49.89 -23.53 -24.06
N PRO C 413 -50.55 -22.84 -23.14
CA PRO C 413 -51.00 -21.48 -23.43
C PRO C 413 -49.82 -20.58 -23.72
N PRO C 414 -49.92 -19.70 -24.72
CA PRO C 414 -48.81 -18.77 -24.98
C PRO C 414 -48.56 -17.79 -23.85
N THR C 415 -49.55 -17.58 -22.98
CA THR C 415 -49.39 -16.61 -21.90
C THR C 415 -48.38 -17.07 -20.86
N LEU C 416 -48.29 -18.38 -20.62
CA LEU C 416 -47.38 -18.88 -19.58
C LEU C 416 -45.92 -18.59 -19.92
N ASN C 417 -45.56 -18.71 -21.20
CA ASN C 417 -44.16 -18.48 -21.58
C ASN C 417 -43.74 -17.05 -21.28
N ASP C 418 -44.62 -16.08 -21.55
CA ASP C 418 -44.31 -14.69 -21.21
C ASP C 418 -44.15 -14.51 -19.71
N VAL C 419 -45.03 -15.12 -18.92
CA VAL C 419 -44.93 -15.00 -17.47
C VAL C 419 -43.62 -15.60 -16.96
N LEU C 420 -43.19 -16.71 -17.57
CA LEU C 420 -41.97 -17.37 -17.11
C LEU C 420 -40.71 -16.60 -17.51
N ILE C 421 -40.68 -16.06 -18.73
CA ILE C 421 -39.52 -15.26 -19.10
C ILE C 421 -39.51 -13.97 -18.29
N TRP C 422 -40.67 -13.46 -17.89
CA TRP C 422 -40.70 -12.30 -17.02
C TRP C 422 -40.30 -12.67 -15.60
N PHE C 423 -40.53 -13.91 -15.18
CA PHE C 423 -39.96 -14.38 -13.92
C PHE C 423 -38.44 -14.42 -13.98
N GLY C 424 -37.89 -14.85 -15.11
CA GLY C 424 -36.44 -14.76 -15.29
C GLY C 424 -35.93 -13.34 -15.23
N TYR C 425 -36.62 -12.42 -15.91
CA TYR C 425 -36.27 -11.01 -15.81
C TYR C 425 -36.40 -10.50 -14.37
N LEU C 426 -37.37 -11.03 -13.63
CA LEU C 426 -37.54 -10.64 -12.24
C LEU C 426 -36.41 -11.18 -11.36
N ASN C 427 -35.86 -12.34 -11.71
CA ASN C 427 -34.64 -12.79 -11.06
C ASN C 427 -33.49 -11.85 -11.36
N SER C 428 -33.39 -11.40 -12.61
CA SER C 428 -32.39 -10.38 -12.94
C SER C 428 -32.61 -9.13 -12.11
N THR C 429 -33.87 -8.81 -11.80
CA THR C 429 -34.20 -7.68 -10.95
C THR C 429 -33.71 -7.89 -9.52
N PHE C 430 -34.03 -9.05 -8.93
CA PHE C 430 -33.73 -9.32 -7.53
C PHE C 430 -32.27 -9.66 -7.28
N ASN C 431 -31.53 -10.07 -8.31
CA ASN C 431 -30.16 -10.51 -8.10
C ASN C 431 -29.27 -9.46 -7.47
N PRO C 432 -29.28 -8.18 -7.90
CA PRO C 432 -28.51 -7.18 -7.15
C PRO C 432 -28.96 -7.04 -5.71
N MET C 433 -30.25 -7.16 -5.43
CA MET C 433 -30.72 -7.10 -4.06
C MET C 433 -30.22 -8.28 -3.24
N VAL C 434 -30.22 -9.48 -3.83
CA VAL C 434 -29.82 -10.67 -3.11
C VAL C 434 -28.32 -10.68 -2.85
N TYR C 435 -27.53 -10.28 -3.84
CA TYR C 435 -26.08 -10.44 -3.76
C TYR C 435 -25.33 -9.19 -3.32
N ALA C 436 -25.98 -8.03 -3.30
CA ALA C 436 -25.32 -6.81 -2.85
C ALA C 436 -26.10 -6.02 -1.82
N PHE C 437 -27.43 -5.98 -1.86
CA PHE C 437 -28.20 -5.21 -0.89
C PHE C 437 -28.57 -6.00 0.35
N PHE C 438 -28.30 -7.31 0.36
CA PHE C 438 -28.57 -8.11 1.55
C PHE C 438 -27.42 -8.04 2.54
N TYR C 439 -26.20 -7.86 2.06
CA TYR C 439 -25.02 -7.95 2.91
C TYR C 439 -24.71 -6.60 3.55
N PRO C 440 -24.58 -6.53 4.88
CA PRO C 440 -24.40 -5.22 5.53
C PRO C 440 -23.21 -4.42 5.06
N TRP C 441 -22.10 -5.07 4.66
CA TRP C 441 -20.93 -4.29 4.25
C TRP C 441 -21.25 -3.42 3.03
N PHE C 442 -21.94 -4.00 2.04
CA PHE C 442 -22.32 -3.22 0.86
C PHE C 442 -23.36 -2.17 1.21
N ARG C 443 -24.29 -2.48 2.12
CA ARG C 443 -25.27 -1.48 2.54
C ARG C 443 -24.59 -0.28 3.20
N LYS C 444 -23.62 -0.55 4.08
CA LYS C 444 -22.88 0.54 4.71
C LYS C 444 -22.05 1.32 3.71
N ALA C 445 -21.46 0.65 2.71
CA ALA C 445 -20.76 1.36 1.65
C ALA C 445 -21.71 2.29 0.90
N LEU C 446 -22.91 1.80 0.58
CA LEU C 446 -23.87 2.63 -0.12
C LEU C 446 -24.32 3.81 0.72
N LYS C 447 -24.51 3.61 2.03
CA LYS C 447 -24.86 4.71 2.92
C LYS C 447 -23.74 5.74 2.97
N MET C 448 -22.49 5.28 3.03
CA MET C 448 -21.36 6.20 3.01
C MET C 448 -21.23 6.92 1.67
N MET C 449 -21.76 6.34 0.59
CA MET C 449 -21.76 7.03 -0.69
C MET C 449 -22.58 8.31 -0.63
N LEU C 450 -23.75 8.26 0.00
CA LEU C 450 -24.61 9.43 0.12
C LEU C 450 -24.26 10.24 1.37
N THR D 6 22.52 4.21 45.55
CA THR D 6 21.13 3.86 45.33
C THR D 6 20.65 4.37 43.97
N ALA D 7 20.05 3.46 43.18
CA ALA D 7 19.56 3.85 41.86
C ALA D 7 18.42 4.84 41.95
N SER D 8 17.53 4.69 42.94
CA SER D 8 16.37 5.57 43.06
C SER D 8 16.80 7.00 43.34
N ILE D 9 17.77 7.18 44.26
CA ILE D 9 18.22 8.54 44.56
C ILE D 9 18.98 9.13 43.39
N ALA D 10 19.69 8.30 42.62
CA ALA D 10 20.37 8.80 41.42
C ALA D 10 19.36 9.29 40.39
N GLN D 11 18.28 8.51 40.19
CA GLN D 11 17.24 8.93 39.26
C GLN D 11 16.56 10.21 39.73
N ALA D 12 16.31 10.32 41.04
CA ALA D 12 15.71 11.53 41.58
C ALA D 12 16.63 12.74 41.37
N ARG D 13 17.94 12.55 41.57
CA ARG D 13 18.88 13.63 41.34
C ARG D 13 18.91 14.04 39.87
N LYS D 14 18.88 13.06 38.97
CA LYS D 14 18.84 13.38 37.55
C LYS D 14 17.59 14.16 37.18
N LEU D 15 16.44 13.74 37.71
CA LEU D 15 15.19 14.47 37.45
C LEU D 15 15.24 15.89 38.01
N VAL D 16 15.79 16.04 39.21
CA VAL D 16 15.90 17.36 39.81
C VAL D 16 16.80 18.26 38.98
N GLU D 17 17.92 17.71 38.50
CA GLU D 17 18.83 18.48 37.65
C GLU D 17 18.15 18.86 36.34
N GLN D 18 17.38 17.95 35.75
CA GLN D 18 16.69 18.25 34.50
C GLN D 18 15.68 19.37 34.69
N LEU D 19 14.88 19.30 35.76
CA LEU D 19 13.91 20.37 36.03
C LEU D 19 14.60 21.68 36.34
N LYS D 20 15.73 21.64 37.07
CA LYS D 20 16.47 22.87 37.34
C LYS D 20 16.98 23.50 36.06
N MET D 21 17.53 22.68 35.15
CA MET D 21 18.04 23.20 33.88
C MET D 21 16.91 23.73 33.00
N GLU D 22 15.74 23.10 33.04
CA GLU D 22 14.61 23.56 32.24
C GLU D 22 13.97 24.81 32.81
N ALA D 23 14.06 25.01 34.13
CA ALA D 23 13.37 26.14 34.75
C ALA D 23 14.08 27.46 34.47
N ASN D 24 15.42 27.48 34.57
CA ASN D 24 16.17 28.73 34.50
C ASN D 24 16.51 29.06 33.04
N ILE D 25 15.46 29.40 32.29
CA ILE D 25 15.60 29.82 30.91
C ILE D 25 14.74 31.06 30.69
N ASP D 26 15.07 31.83 29.65
CA ASP D 26 14.38 33.08 29.38
C ASP D 26 12.98 32.79 28.85
N ARG D 27 11.99 33.50 29.40
CA ARG D 27 10.61 33.43 28.96
C ARG D 27 10.23 34.71 28.22
N ILE D 28 9.13 34.63 27.48
CA ILE D 28 8.52 35.80 26.85
C ILE D 28 7.04 35.79 27.17
N LYS D 29 6.40 36.96 27.09
CA LYS D 29 4.96 37.03 27.30
C LYS D 29 4.24 36.29 26.18
N VAL D 30 3.07 35.74 26.51
CA VAL D 30 2.32 34.98 25.53
C VAL D 30 1.88 35.87 24.38
N SER D 31 1.63 37.15 24.66
CA SER D 31 1.17 38.07 23.63
C SER D 31 2.21 38.23 22.53
N LYS D 32 3.49 38.35 22.91
CA LYS D 32 4.54 38.53 21.91
C LYS D 32 4.67 37.29 21.01
N ALA D 33 4.63 36.10 21.60
CA ALA D 33 4.69 34.88 20.80
C ALA D 33 3.48 34.77 19.88
N ALA D 34 2.29 35.08 20.40
CA ALA D 34 1.10 35.04 19.57
C ALA D 34 1.21 36.02 18.41
N ALA D 35 1.70 37.23 18.69
CA ALA D 35 1.83 38.25 17.66
C ALA D 35 2.82 37.84 16.58
N ASP D 36 3.95 37.25 16.97
CA ASP D 36 4.93 36.90 15.94
C ASP D 36 4.50 35.65 15.16
N LEU D 37 3.78 34.72 15.79
CA LEU D 37 3.20 33.63 15.02
C LEU D 37 2.18 34.13 14.00
N MET D 38 1.29 35.04 14.40
CA MET D 38 0.32 35.53 13.42
C MET D 38 0.99 36.38 12.35
N ALA D 39 2.05 37.10 12.72
CA ALA D 39 2.82 37.85 11.72
C ALA D 39 3.47 36.91 10.71
N TYR D 40 4.03 35.80 11.17
CA TYR D 40 4.59 34.82 10.25
C TYR D 40 3.51 34.22 9.36
N CYS D 41 2.33 33.94 9.93
CA CYS D 41 1.24 33.37 9.14
C CYS D 41 0.78 34.34 8.04
N GLU D 42 0.64 35.63 8.38
CA GLU D 42 0.15 36.58 7.40
C GLU D 42 1.21 36.97 6.39
N ALA D 43 2.48 37.07 6.80
CA ALA D 43 3.53 37.49 5.88
C ALA D 43 3.78 36.44 4.80
N HIS D 44 3.78 35.17 5.19
CA HIS D 44 4.04 34.08 4.26
C HIS D 44 2.78 33.50 3.64
N ALA D 45 1.61 34.10 3.90
CA ALA D 45 0.37 33.62 3.31
C ALA D 45 0.35 33.81 1.81
N LYS D 46 1.16 34.72 1.27
CA LYS D 46 1.21 34.91 -0.18
C LYS D 46 1.79 33.69 -0.88
N GLU D 47 2.81 33.07 -0.30
CA GLU D 47 3.46 31.89 -0.87
C GLU D 47 2.95 30.59 -0.25
N ASP D 48 1.67 30.54 0.10
CA ASP D 48 1.05 29.33 0.66
C ASP D 48 -0.01 28.87 -0.33
N PRO D 49 0.31 27.90 -1.19
CA PRO D 49 -0.67 27.42 -2.18
C PRO D 49 -1.90 26.76 -1.58
N LEU D 50 -1.87 26.39 -0.30
CA LEU D 50 -3.01 25.74 0.33
C LEU D 50 -3.97 26.74 0.99
N LEU D 51 -3.47 27.87 1.46
CA LEU D 51 -4.34 28.88 2.06
C LEU D 51 -5.26 29.49 1.00
N THR D 52 -4.67 30.14 0.00
CA THR D 52 -5.41 30.62 -1.16
C THR D 52 -5.14 29.70 -2.33
N PRO D 53 -6.12 28.92 -2.79
CA PRO D 53 -5.86 28.02 -3.93
C PRO D 53 -5.50 28.79 -5.19
N VAL D 54 -4.26 28.67 -5.61
CA VAL D 54 -3.77 29.36 -6.81
C VAL D 54 -4.37 28.70 -8.03
N PRO D 55 -4.52 29.41 -9.15
CA PRO D 55 -5.09 28.79 -10.35
C PRO D 55 -4.23 27.63 -10.85
N ALA D 56 -4.90 26.67 -11.48
CA ALA D 56 -4.23 25.46 -11.98
C ALA D 56 -3.20 25.74 -13.06
N SER D 57 -3.04 26.99 -13.48
CA SER D 57 -2.00 27.32 -14.45
C SER D 57 -0.60 27.15 -13.88
N GLU D 58 -0.45 27.16 -12.55
CA GLU D 58 0.84 26.99 -11.92
C GLU D 58 0.91 25.79 -10.98
N ASN D 59 -0.22 25.15 -10.67
CA ASN D 59 -0.19 23.94 -9.87
C ASN D 59 0.27 22.76 -10.72
N PRO D 60 1.37 22.08 -10.34
CA PRO D 60 1.82 20.92 -11.12
C PRO D 60 0.98 19.66 -10.91
N PHE D 61 -0.11 19.75 -10.16
CA PHE D 61 -1.00 18.62 -9.91
C PHE D 61 -2.30 18.75 -10.69
N ARG D 62 -2.24 19.23 -11.93
CA ARG D 62 -3.43 19.48 -12.73
C ARG D 62 -4.23 18.19 -12.92
N GLU D 63 -5.54 18.29 -12.69
CA GLU D 63 -6.48 17.17 -12.85
C GLU D 63 -6.03 15.95 -12.04
N VAL E 2 31.59 -2.08 -11.99
CA VAL E 2 30.79 -1.84 -13.19
C VAL E 2 31.67 -1.91 -14.42
N GLN E 3 31.59 -3.03 -15.14
CA GLN E 3 32.37 -3.23 -16.36
C GLN E 3 31.43 -3.75 -17.45
N LEU E 4 31.49 -3.12 -18.61
CA LEU E 4 30.70 -3.52 -19.77
C LEU E 4 31.68 -4.07 -20.81
N VAL E 5 31.92 -5.38 -20.76
CA VAL E 5 32.88 -6.03 -21.62
C VAL E 5 32.16 -6.56 -22.86
N GLU E 6 32.63 -6.14 -24.03
CA GLU E 6 32.07 -6.60 -25.30
C GLU E 6 32.97 -7.67 -25.92
N SER E 7 32.35 -8.63 -26.60
CA SER E 7 33.06 -9.69 -27.29
C SER E 7 32.55 -9.79 -28.71
N GLY E 8 33.44 -10.19 -29.61
CA GLY E 8 33.11 -10.35 -31.01
C GLY E 8 34.03 -9.52 -31.90
N GLY E 9 33.47 -9.02 -33.00
CA GLY E 9 34.22 -8.24 -33.95
C GLY E 9 34.98 -9.11 -34.93
N GLY E 10 35.86 -8.46 -35.69
CA GLY E 10 36.66 -9.11 -36.69
C GLY E 10 36.17 -8.81 -38.09
N LEU E 11 36.95 -9.28 -39.07
CA LEU E 11 36.62 -9.07 -40.47
C LEU E 11 35.46 -9.97 -40.86
N VAL E 12 34.38 -9.37 -41.35
CA VAL E 12 33.16 -10.09 -41.73
C VAL E 12 32.87 -9.78 -43.19
N GLN E 13 32.57 -10.81 -43.98
CA GLN E 13 32.25 -10.60 -45.37
C GLN E 13 30.95 -9.81 -45.52
N PRO E 14 30.85 -8.97 -46.55
CA PRO E 14 29.63 -8.17 -46.74
C PRO E 14 28.40 -9.06 -46.93
N GLY E 15 27.28 -8.59 -46.39
CA GLY E 15 26.04 -9.33 -46.47
C GLY E 15 25.90 -10.47 -45.49
N GLY E 16 26.90 -10.68 -44.63
CA GLY E 16 26.85 -11.77 -43.66
C GLY E 16 26.05 -11.41 -42.43
N SER E 17 25.93 -12.38 -41.53
CA SER E 17 25.22 -12.22 -40.28
C SER E 17 26.15 -12.55 -39.12
N ARG E 18 26.10 -11.75 -38.07
CA ARG E 18 26.96 -11.95 -36.92
C ARG E 18 26.24 -11.48 -35.66
N LYS E 19 26.67 -12.02 -34.52
CA LYS E 19 26.10 -11.68 -33.22
C LYS E 19 27.17 -10.96 -32.40
N LEU E 20 26.91 -9.70 -32.08
CA LEU E 20 27.80 -8.91 -31.24
C LEU E 20 27.28 -8.93 -29.81
N SER E 21 28.16 -9.26 -28.86
CA SER E 21 27.78 -9.45 -27.48
C SER E 21 28.48 -8.44 -26.58
N CYS E 22 27.77 -8.05 -25.51
CA CYS E 22 28.32 -7.16 -24.49
C CYS E 22 27.98 -7.77 -23.13
N SER E 23 29.00 -8.19 -22.40
CA SER E 23 28.80 -8.81 -21.09
C SER E 23 28.82 -7.75 -20.00
N ALA E 24 27.81 -7.77 -19.15
CA ALA E 24 27.66 -6.79 -18.08
C ALA E 24 27.97 -7.44 -16.74
N SER E 25 28.88 -6.82 -15.97
CA SER E 25 29.24 -7.31 -14.66
C SER E 25 29.35 -6.13 -13.71
N GLY E 26 29.11 -6.39 -12.43
CA GLY E 26 29.19 -5.37 -11.41
C GLY E 26 27.95 -4.53 -11.23
N PHE E 27 26.90 -4.75 -12.01
CA PHE E 27 25.66 -4.02 -11.86
C PHE E 27 24.52 -4.85 -12.44
N ALA E 28 23.37 -4.83 -11.76
CA ALA E 28 22.18 -5.56 -12.19
C ALA E 28 21.39 -4.66 -13.11
N PHE E 29 21.46 -4.92 -14.42
CA PHE E 29 20.83 -4.07 -15.41
C PHE E 29 19.43 -4.55 -15.78
N SER E 30 18.84 -5.44 -14.98
CA SER E 30 17.45 -5.84 -15.21
C SER E 30 16.50 -4.65 -15.14
N SER E 31 16.90 -3.57 -14.49
CA SER E 31 16.16 -2.33 -14.47
C SER E 31 16.74 -1.29 -15.43
N PHE E 32 17.63 -1.69 -16.32
CA PHE E 32 18.32 -0.78 -17.22
C PHE E 32 17.83 -1.01 -18.65
N GLY E 33 17.45 0.07 -19.33
CA GLY E 33 17.39 0.03 -20.77
C GLY E 33 18.77 0.27 -21.37
N MET E 34 19.06 -0.43 -22.46
CA MET E 34 20.42 -0.44 -22.99
C MET E 34 20.41 -0.04 -24.46
N HIS E 35 21.40 0.77 -24.85
CA HIS E 35 21.50 1.30 -26.20
C HIS E 35 22.75 0.76 -26.89
N TRP E 36 22.62 0.42 -28.16
CA TRP E 36 23.74 -0.05 -28.97
C TRP E 36 24.30 1.07 -29.84
N VAL E 37 24.87 2.10 -29.20
CA VAL E 37 25.45 3.20 -29.94
C VAL E 37 26.74 2.74 -30.62
N ARG E 38 26.97 3.23 -31.84
CA ARG E 38 28.09 2.80 -32.65
C ARG E 38 28.93 3.99 -33.12
N GLN E 39 30.23 3.73 -33.31
CA GLN E 39 31.19 4.75 -33.74
C GLN E 39 31.73 4.40 -35.12
N ALA E 40 31.34 5.18 -36.12
CA ALA E 40 31.89 5.01 -37.45
C ALA E 40 33.39 5.32 -37.45
N PRO E 41 34.16 4.68 -38.33
CA PRO E 41 35.62 4.89 -38.31
C PRO E 41 36.04 6.33 -38.55
N GLU E 42 35.29 7.09 -39.35
CA GLU E 42 35.63 8.48 -39.63
C GLU E 42 34.48 9.44 -39.38
N LYS E 43 33.39 8.98 -38.76
CA LYS E 43 32.25 9.83 -38.46
C LYS E 43 31.99 9.81 -36.94
N GLY E 44 30.89 10.44 -36.54
CA GLY E 44 30.54 10.51 -35.14
C GLY E 44 29.68 9.34 -34.69
N LEU E 45 29.25 9.43 -33.43
CA LEU E 45 28.41 8.40 -32.84
C LEU E 45 27.06 8.31 -33.55
N GLU E 46 26.48 7.12 -33.53
CA GLU E 46 25.16 6.88 -34.08
C GLU E 46 24.48 5.79 -33.28
N TRP E 47 23.18 5.93 -33.06
CA TRP E 47 22.39 4.97 -32.31
C TRP E 47 21.54 4.15 -33.27
N VAL E 48 21.52 2.84 -33.06
CA VAL E 48 20.87 1.91 -33.98
C VAL E 48 19.67 1.23 -33.34
N ALA E 49 19.74 0.90 -32.05
CA ALA E 49 18.66 0.14 -31.45
C ALA E 49 18.65 0.34 -29.93
N TYR E 50 17.52 0.00 -29.32
CA TYR E 50 17.30 0.12 -27.89
C TYR E 50 16.40 -1.00 -27.39
N ILE E 51 16.81 -1.61 -26.28
CA ILE E 51 16.01 -2.62 -25.61
C ILE E 51 15.76 -2.15 -24.18
N SER E 52 14.52 -2.29 -23.72
CA SER E 52 14.11 -1.76 -22.43
C SER E 52 14.66 -2.64 -21.31
N SER E 53 14.27 -2.32 -20.06
CA SER E 53 14.68 -3.12 -18.92
C SER E 53 14.05 -4.50 -18.96
N GLY E 54 12.74 -4.55 -19.18
CA GLY E 54 12.03 -5.81 -19.29
C GLY E 54 11.70 -6.17 -20.72
N SER E 55 12.35 -5.49 -21.67
CA SER E 55 12.16 -5.68 -23.10
C SER E 55 10.73 -5.39 -23.55
N GLY E 56 9.97 -4.64 -22.74
CA GLY E 56 8.62 -4.31 -23.13
C GLY E 56 8.55 -3.41 -24.34
N THR E 57 9.38 -2.37 -24.38
CA THR E 57 9.44 -1.44 -25.50
C THR E 57 10.81 -1.55 -26.16
N ILE E 58 10.82 -1.78 -27.47
CA ILE E 58 12.04 -1.95 -28.24
C ILE E 58 11.92 -1.12 -29.51
N TYR E 59 12.91 -0.27 -29.77
CA TYR E 59 12.91 0.62 -30.92
C TYR E 59 14.21 0.46 -31.69
N TYR E 60 14.16 0.73 -32.98
CA TYR E 60 15.32 0.66 -33.86
C TYR E 60 15.53 2.00 -34.56
N ALA E 61 16.59 2.08 -35.34
CA ALA E 61 16.92 3.29 -36.08
C ALA E 61 16.34 3.22 -37.49
N ASP E 62 16.49 4.32 -38.23
CA ASP E 62 15.94 4.38 -39.59
C ASP E 62 16.73 3.50 -40.54
N THR E 63 18.06 3.55 -40.46
CA THR E 63 18.89 2.82 -41.42
C THR E 63 18.87 1.32 -41.16
N VAL E 64 18.61 0.90 -39.93
CA VAL E 64 18.57 -0.50 -39.55
C VAL E 64 17.30 -0.76 -38.74
N LYS E 65 16.27 -1.27 -39.41
CA LYS E 65 15.02 -1.63 -38.75
C LYS E 65 14.89 -3.13 -38.55
N GLY E 66 14.96 -3.90 -39.64
CA GLY E 66 14.87 -5.34 -39.57
C GLY E 66 16.19 -6.04 -39.81
N ARG E 67 17.19 -5.29 -40.27
CA ARG E 67 18.49 -5.88 -40.54
C ARG E 67 19.25 -6.19 -39.27
N PHE E 68 18.97 -5.46 -38.19
CA PHE E 68 19.55 -5.73 -36.88
C PHE E 68 18.51 -6.37 -35.97
N THR E 69 19.00 -7.06 -34.94
CA THR E 69 18.14 -7.67 -33.95
C THR E 69 18.86 -7.66 -32.61
N ILE E 70 18.16 -7.21 -31.58
CA ILE E 70 18.72 -7.03 -30.25
C ILE E 70 18.06 -8.00 -29.27
N SER E 71 18.88 -8.59 -28.40
CA SER E 71 18.39 -9.50 -27.38
C SER E 71 19.18 -9.29 -26.11
N ARG E 72 18.52 -9.51 -24.98
CA ARG E 72 19.15 -9.45 -23.66
C ARG E 72 18.80 -10.70 -22.88
N ASP E 73 19.77 -11.23 -22.14
CA ASP E 73 19.59 -12.41 -21.31
C ASP E 73 19.84 -12.00 -19.86
N ASP E 74 18.76 -11.74 -19.12
CA ASP E 74 18.91 -11.33 -17.73
C ASP E 74 19.62 -12.37 -16.87
N PRO E 75 19.30 -13.67 -16.92
CA PRO E 75 20.11 -14.63 -16.17
C PRO E 75 21.57 -14.65 -16.57
N LYS E 76 21.86 -14.47 -17.87
CA LYS E 76 23.23 -14.47 -18.35
C LYS E 76 23.89 -13.09 -18.28
N ASN E 77 23.09 -12.03 -18.10
CA ASN E 77 23.61 -10.66 -17.93
C ASN E 77 24.45 -10.22 -19.13
N THR E 78 23.90 -10.39 -20.32
CA THR E 78 24.59 -9.99 -21.55
C THR E 78 23.58 -9.39 -22.53
N LEU E 79 24.11 -8.60 -23.46
CA LEU E 79 23.36 -8.12 -24.61
C LEU E 79 23.76 -8.86 -25.86
N PHE E 80 22.79 -9.22 -26.69
CA PHE E 80 23.04 -9.88 -27.97
C PHE E 80 22.51 -9.00 -29.09
N LEU E 81 23.37 -8.72 -30.06
CA LEU E 81 23.03 -7.88 -31.21
C LEU E 81 23.17 -8.73 -32.48
N GLN E 82 22.04 -9.17 -33.02
CA GLN E 82 22.01 -9.96 -34.24
C GLN E 82 21.91 -9.00 -35.43
N MET E 83 23.01 -8.86 -36.17
CA MET E 83 23.07 -7.98 -37.32
C MET E 83 23.10 -8.80 -38.60
N THR E 84 22.34 -8.39 -39.60
CA THR E 84 22.23 -9.10 -40.86
C THR E 84 22.40 -8.12 -42.01
N SER E 85 22.81 -8.66 -43.16
CA SER E 85 23.00 -7.89 -44.39
C SER E 85 23.97 -6.72 -44.16
N LEU E 86 25.20 -7.08 -43.80
CA LEU E 86 26.23 -6.08 -43.48
C LEU E 86 26.67 -5.38 -44.75
N ARG E 87 26.26 -4.13 -44.92
CA ARG E 87 26.69 -3.30 -46.03
C ARG E 87 28.00 -2.62 -45.69
N SER E 88 28.55 -1.87 -46.65
CA SER E 88 29.78 -1.12 -46.42
C SER E 88 29.60 -0.04 -45.35
N GLU E 89 28.37 0.40 -45.10
CA GLU E 89 28.14 1.40 -44.06
C GLU E 89 28.21 0.80 -42.67
N ASP E 90 27.96 -0.50 -42.53
CA ASP E 90 27.91 -1.14 -41.22
C ASP E 90 29.29 -1.46 -40.68
N THR E 91 30.16 -0.45 -40.63
CA THR E 91 31.47 -0.58 -39.99
C THR E 91 31.53 0.42 -38.84
N ALA E 92 31.70 -0.07 -37.62
CA ALA E 92 31.68 0.80 -36.45
C ALA E 92 32.20 0.03 -35.25
N MET E 93 32.77 0.78 -34.32
CA MET E 93 33.15 0.26 -33.00
C MET E 93 31.92 0.40 -32.11
N TYR E 94 31.08 -0.63 -32.11
CA TYR E 94 29.80 -0.56 -31.40
C TYR E 94 30.03 -0.44 -29.90
N TYR E 95 29.18 0.33 -29.24
CA TYR E 95 29.23 0.53 -27.81
C TYR E 95 27.90 0.09 -27.19
N CYS E 96 27.98 -0.71 -26.13
CA CYS E 96 26.80 -1.03 -25.34
C CYS E 96 26.69 -0.01 -24.20
N VAL E 97 25.50 0.54 -24.03
CA VAL E 97 25.29 1.71 -23.19
C VAL E 97 24.24 1.37 -22.15
N ARG E 98 24.56 1.59 -20.88
CA ARG E 98 23.58 1.42 -19.82
C ARG E 98 22.87 2.74 -19.54
N SER E 99 21.55 2.66 -19.32
CA SER E 99 20.76 3.86 -19.08
C SER E 99 19.52 3.47 -18.29
N ILE E 100 19.49 3.82 -17.01
CA ILE E 100 18.29 3.65 -16.20
C ILE E 100 17.43 4.89 -16.40
N TYR E 101 16.12 4.70 -16.37
CA TYR E 101 15.20 5.73 -16.86
C TYR E 101 14.14 6.08 -15.83
N TYR E 102 14.55 6.31 -14.58
CA TYR E 102 13.67 6.87 -13.58
C TYR E 102 13.93 8.37 -13.44
N TYR E 103 13.06 9.04 -12.69
CA TYR E 103 13.20 10.48 -12.53
C TYR E 103 14.47 10.80 -11.73
N GLY E 104 15.27 11.73 -12.25
CA GLY E 104 16.53 12.07 -11.65
C GLY E 104 17.67 11.17 -12.03
N SER E 105 17.45 10.18 -12.88
CA SER E 105 18.51 9.28 -13.31
C SER E 105 19.42 9.99 -14.31
N SER E 106 20.52 9.31 -14.66
CA SER E 106 21.51 9.82 -15.61
C SER E 106 21.71 8.77 -16.69
N PRO E 107 20.87 8.77 -17.72
CA PRO E 107 21.04 7.80 -18.81
C PRO E 107 22.35 8.03 -19.55
N PHE E 108 22.85 6.96 -20.16
CA PHE E 108 24.10 6.99 -20.93
C PHE E 108 25.29 7.32 -20.03
N ASP E 109 25.21 6.99 -18.75
CA ASP E 109 26.26 7.38 -17.80
C ASP E 109 27.54 6.59 -18.03
N PHE E 110 27.43 5.27 -18.17
CA PHE E 110 28.59 4.40 -18.35
C PHE E 110 28.44 3.65 -19.67
N TRP E 111 29.56 3.49 -20.38
CA TRP E 111 29.53 2.94 -21.72
C TRP E 111 30.46 1.75 -21.82
N GLY E 112 30.18 0.87 -22.79
CA GLY E 112 30.99 -0.31 -22.99
C GLY E 112 32.36 0.01 -23.56
N GLN E 113 33.27 -0.95 -23.42
CA GLN E 113 34.64 -0.76 -23.89
C GLN E 113 34.68 -0.52 -25.39
N GLY E 114 33.88 -1.25 -26.14
CA GLY E 114 33.81 -1.06 -27.58
C GLY E 114 34.65 -2.04 -28.37
N THR E 115 34.03 -2.73 -29.32
CA THR E 115 34.71 -3.69 -30.18
C THR E 115 34.57 -3.24 -31.63
N THR E 116 35.70 -3.11 -32.32
CA THR E 116 35.68 -2.68 -33.70
C THR E 116 35.09 -3.76 -34.60
N LEU E 117 34.41 -3.30 -35.66
CA LEU E 117 33.78 -4.18 -36.64
C LEU E 117 34.18 -3.72 -38.03
N THR E 118 34.98 -4.54 -38.71
CA THR E 118 35.45 -4.25 -40.07
C THR E 118 34.83 -5.24 -41.05
N VAL E 119 34.29 -4.72 -42.16
CA VAL E 119 33.78 -5.55 -43.24
C VAL E 119 34.47 -5.17 -44.54
N SER E 120 34.52 -6.12 -45.46
CA SER E 120 35.16 -5.91 -46.75
C SER E 120 34.17 -5.24 -47.71
N SER E 121 34.54 -5.16 -48.99
CA SER E 121 33.69 -4.51 -49.97
C SER E 121 33.42 -5.45 -51.16
N SER E 135 11.68 16.19 -42.38
CA SER E 135 11.27 14.87 -41.91
C SER E 135 11.13 14.83 -40.40
N SER E 136 10.66 13.69 -39.88
CA SER E 136 10.51 13.54 -38.45
C SER E 136 11.84 13.45 -37.72
N ASP E 137 12.91 13.11 -38.42
CA ASP E 137 14.23 13.03 -37.81
C ASP E 137 14.72 14.42 -37.46
N ILE E 138 15.20 14.60 -36.23
CA ILE E 138 15.75 15.88 -35.80
C ILE E 138 17.17 16.02 -36.31
N VAL E 139 17.34 16.80 -37.37
CA VAL E 139 18.67 17.03 -37.95
C VAL E 139 19.32 18.14 -37.14
N MET E 140 20.01 17.76 -36.07
CA MET E 140 20.64 18.71 -35.16
C MET E 140 22.14 18.72 -35.46
N THR E 141 22.68 19.91 -35.70
CA THR E 141 24.06 20.08 -36.14
C THR E 141 24.80 21.01 -35.18
N GLN E 142 26.04 20.66 -34.89
CA GLN E 142 26.92 21.49 -34.08
C GLN E 142 27.61 22.50 -34.98
N ALA E 143 27.73 23.74 -34.51
CA ALA E 143 28.19 24.82 -35.38
C ALA E 143 29.61 24.58 -35.88
N THR E 144 30.51 24.15 -34.99
CA THR E 144 31.89 23.91 -35.35
C THR E 144 32.23 22.43 -35.19
N SER E 145 33.43 22.07 -35.65
CA SER E 145 33.91 20.70 -35.55
C SER E 145 35.31 20.57 -34.95
N SER E 146 36.13 21.62 -35.02
CA SER E 146 37.48 21.57 -34.47
C SER E 146 37.86 22.96 -33.99
N VAL E 147 38.41 23.04 -32.78
CA VAL E 147 38.85 24.31 -32.22
C VAL E 147 39.96 24.06 -31.19
N PRO E 148 41.16 24.61 -31.41
CA PRO E 148 42.23 24.51 -30.40
C PRO E 148 42.09 25.63 -29.38
N VAL E 149 41.95 25.26 -28.11
CA VAL E 149 41.77 26.21 -27.02
C VAL E 149 42.83 25.96 -25.96
N THR E 150 43.44 27.03 -25.48
CA THR E 150 44.45 26.92 -24.44
C THR E 150 43.82 26.50 -23.11
N PRO E 151 44.56 25.79 -22.27
CA PRO E 151 43.99 25.35 -20.98
C PRO E 151 43.78 26.52 -20.04
N GLY E 152 42.96 26.26 -19.02
CA GLY E 152 42.72 27.24 -17.96
C GLY E 152 41.49 28.09 -18.17
N GLU E 153 41.48 28.90 -19.22
CA GLU E 153 40.38 29.84 -19.42
C GLU E 153 39.16 29.13 -19.98
N SER E 154 38.04 29.84 -20.00
CA SER E 154 36.75 29.23 -20.30
C SER E 154 36.70 28.73 -21.74
N VAL E 155 35.97 27.63 -21.93
CA VAL E 155 35.78 27.01 -23.24
C VAL E 155 34.29 26.93 -23.52
N SER E 156 33.87 27.43 -24.69
CA SER E 156 32.46 27.44 -25.07
C SER E 156 32.27 26.52 -26.27
N ILE E 157 31.32 25.59 -26.14
CA ILE E 157 30.97 24.66 -27.21
C ILE E 157 29.49 24.82 -27.52
N SER E 158 29.17 25.01 -28.79
CA SER E 158 27.82 25.35 -29.22
C SER E 158 27.14 24.16 -29.88
N CYS E 159 25.90 23.89 -29.46
CA CYS E 159 25.07 22.86 -30.05
C CYS E 159 23.73 23.47 -30.47
N ARG E 160 23.25 23.07 -31.64
CA ARG E 160 21.99 23.58 -32.17
C ARG E 160 21.13 22.41 -32.63
N SER E 161 19.83 22.55 -32.45
CA SER E 161 18.86 21.53 -32.83
C SER E 161 17.89 22.08 -33.85
N SER E 162 17.29 21.17 -34.62
CA SER E 162 16.30 21.55 -35.62
C SER E 162 14.89 21.67 -35.06
N LYS E 163 14.68 21.28 -33.80
CA LYS E 163 13.39 21.39 -33.15
C LYS E 163 13.59 21.80 -31.70
N SER E 164 12.57 22.44 -31.14
CA SER E 164 12.61 22.84 -29.74
C SER E 164 12.62 21.60 -28.85
N LEU E 165 13.61 21.50 -27.97
CA LEU E 165 13.77 20.33 -27.12
C LEU E 165 13.10 20.48 -25.76
N LEU E 166 12.46 21.62 -25.49
CA LEU E 166 11.76 21.82 -24.23
C LEU E 166 10.41 21.11 -24.27
N HIS E 167 10.11 20.35 -23.22
CA HIS E 167 8.86 19.61 -23.14
C HIS E 167 7.87 20.35 -22.26
N SER E 168 6.61 19.89 -22.30
CA SER E 168 5.57 20.50 -21.50
C SER E 168 5.74 20.24 -20.01
N ASN E 169 6.50 19.21 -19.64
CA ASN E 169 6.70 18.87 -18.23
C ASN E 169 7.82 19.67 -17.57
N GLY E 170 8.52 20.52 -18.32
CA GLY E 170 9.59 21.32 -17.79
C GLY E 170 10.97 20.75 -17.93
N ASN E 171 11.14 19.66 -18.67
CA ASN E 171 12.43 19.03 -18.88
C ASN E 171 12.85 19.22 -20.33
N THR E 172 14.07 19.71 -20.54
CA THR E 172 14.62 19.91 -21.87
C THR E 172 15.81 18.96 -21.99
N TYR E 173 15.60 17.86 -22.71
CA TYR E 173 16.55 16.75 -22.72
C TYR E 173 17.77 17.09 -23.57
N LEU E 174 18.96 16.86 -23.00
CA LEU E 174 20.22 17.11 -23.69
C LEU E 174 21.31 16.33 -22.99
N TYR E 175 22.26 15.82 -23.78
CA TYR E 175 23.34 14.99 -23.25
C TYR E 175 24.66 15.39 -23.88
N TRP E 176 25.72 15.43 -23.08
CA TRP E 176 27.06 15.74 -23.53
C TRP E 176 28.02 14.66 -23.04
N PHE E 177 28.94 14.24 -23.91
CA PHE E 177 29.76 13.07 -23.62
C PHE E 177 31.25 13.39 -23.53
N LEU E 178 31.84 14.01 -24.56
CA LEU E 178 33.25 14.38 -24.56
C LEU E 178 34.15 13.17 -24.35
N GLN E 179 34.12 12.25 -25.32
CA GLN E 179 34.94 11.06 -25.24
C GLN E 179 36.43 11.40 -25.41
N ARG E 180 37.25 10.88 -24.52
CA ARG E 180 38.70 11.07 -24.65
C ARG E 180 39.22 10.16 -25.76
N PRO E 181 40.27 10.59 -26.47
CA PRO E 181 40.73 9.83 -27.65
C PRO E 181 41.08 8.40 -27.29
N GLY E 182 40.57 7.47 -28.10
CA GLY E 182 40.85 6.06 -27.94
C GLY E 182 40.32 5.42 -26.67
N GLN E 183 39.14 5.85 -26.20
CA GLN E 183 38.50 5.20 -25.06
C GLN E 183 37.01 5.52 -25.10
N SER E 184 36.25 4.77 -24.31
CA SER E 184 34.80 4.82 -24.39
C SER E 184 34.26 6.18 -23.95
N PRO E 185 33.20 6.68 -24.58
CA PRO E 185 32.62 7.95 -24.14
C PRO E 185 32.08 7.87 -22.72
N GLN E 186 32.26 8.96 -21.98
CA GLN E 186 31.67 9.14 -20.67
C GLN E 186 30.45 10.05 -20.79
N LEU E 187 29.84 10.37 -19.65
CA LEU E 187 28.71 11.28 -19.61
C LEU E 187 29.10 12.52 -18.80
N LEU E 188 28.94 13.69 -19.41
CA LEU E 188 29.23 14.95 -18.72
C LEU E 188 27.99 15.53 -18.06
N ILE E 189 27.01 15.92 -18.86
CA ILE E 189 25.82 16.62 -18.40
C ILE E 189 24.60 16.00 -19.06
N TYR E 190 23.53 15.83 -18.27
CA TYR E 190 22.26 15.37 -18.81
C TYR E 190 21.20 16.43 -18.56
N ARG E 191 20.48 16.79 -19.62
CA ARG E 191 19.45 17.84 -19.60
C ARG E 191 20.06 19.22 -19.31
N MET E 192 21.38 19.34 -19.48
CA MET E 192 22.15 20.58 -19.35
C MET E 192 21.90 21.32 -18.04
N SER E 193 21.29 20.65 -17.07
CA SER E 193 21.02 21.28 -15.78
C SER E 193 21.56 20.43 -14.63
N ASN E 194 21.75 19.14 -14.88
CA ASN E 194 22.20 18.20 -13.85
C ASN E 194 23.53 17.59 -14.29
N LEU E 195 24.47 17.51 -13.36
CA LEU E 195 25.83 17.06 -13.64
C LEU E 195 26.05 15.68 -13.03
N ALA E 196 26.71 14.80 -13.79
CA ALA E 196 26.87 13.41 -13.41
C ALA E 196 27.83 13.27 -12.22
N SER E 197 27.77 12.11 -11.57
CA SER E 197 28.58 11.89 -10.38
C SER E 197 30.07 11.81 -10.71
N GLY E 198 30.43 11.04 -11.73
CA GLY E 198 31.84 10.85 -12.04
C GLY E 198 32.51 12.11 -12.54
N VAL E 199 31.85 12.85 -13.43
CA VAL E 199 32.46 14.04 -14.03
C VAL E 199 32.65 15.12 -12.96
N PRO E 200 33.74 15.89 -13.00
CA PRO E 200 33.88 17.01 -12.07
C PRO E 200 32.84 18.08 -12.30
N ASP E 201 32.64 18.90 -11.27
CA ASP E 201 31.58 19.92 -11.28
C ASP E 201 31.90 21.10 -12.19
N ARG E 202 33.12 21.17 -12.75
CA ARG E 202 33.52 22.34 -13.52
C ARG E 202 32.71 22.50 -14.81
N PHE E 203 32.06 21.45 -15.28
CA PHE E 203 31.26 21.54 -16.50
C PHE E 203 29.89 22.12 -16.21
N SER E 204 29.30 22.73 -17.24
CA SER E 204 27.95 23.30 -17.13
C SER E 204 27.36 23.44 -18.52
N GLY E 205 26.04 23.52 -18.57
CA GLY E 205 25.33 23.68 -19.82
C GLY E 205 24.17 24.64 -19.69
N SER E 206 23.77 25.21 -20.81
CA SER E 206 22.67 26.17 -20.84
C SER E 206 22.14 26.29 -22.26
N GLY E 207 20.83 26.19 -22.41
CA GLY E 207 20.22 26.33 -23.72
C GLY E 207 18.76 26.73 -23.60
N SER E 208 18.29 27.48 -24.59
CA SER E 208 16.90 27.93 -24.60
C SER E 208 15.94 26.81 -24.99
N GLY E 209 16.39 25.86 -25.80
CA GLY E 209 15.54 24.79 -26.28
C GLY E 209 15.83 24.41 -27.71
N THR E 210 16.52 25.29 -28.42
CA THR E 210 16.95 25.05 -29.79
C THR E 210 18.46 25.14 -29.96
N ALA E 211 19.10 26.12 -29.34
CA ALA E 211 20.55 26.25 -29.35
C ALA E 211 21.07 26.11 -27.92
N PHE E 212 22.15 25.35 -27.77
CA PHE E 212 22.69 25.04 -26.45
C PHE E 212 24.19 25.27 -26.44
N THR E 213 24.71 25.64 -25.27
CA THR E 213 26.13 25.90 -25.08
C THR E 213 26.62 25.18 -23.83
N LEU E 214 27.84 24.68 -23.89
CA LEU E 214 28.50 24.06 -22.75
C LEU E 214 29.77 24.84 -22.42
N THR E 215 29.98 25.12 -21.14
CA THR E 215 31.12 25.87 -20.68
C THR E 215 31.98 25.04 -19.74
N ILE E 216 33.28 25.28 -19.76
CA ILE E 216 34.23 24.62 -18.88
C ILE E 216 35.00 25.70 -18.12
N SER E 217 35.02 25.60 -16.79
CA SER E 217 35.71 26.60 -15.99
C SER E 217 37.22 26.53 -16.19
N ARG E 218 37.79 25.33 -16.09
CA ARG E 218 39.22 25.15 -16.26
C ARG E 218 39.49 23.90 -17.10
N LEU E 219 40.48 23.99 -17.97
CA LEU E 219 40.81 22.92 -18.90
C LEU E 219 42.14 22.28 -18.53
N GLU E 220 42.21 20.97 -18.70
CA GLU E 220 43.42 20.20 -18.43
C GLU E 220 43.58 19.16 -19.54
N ALA E 221 44.49 18.21 -19.31
CA ALA E 221 44.75 17.16 -20.30
C ALA E 221 43.56 16.22 -20.48
N GLU E 222 42.63 16.19 -19.52
CA GLU E 222 41.48 15.32 -19.62
C GLU E 222 40.41 15.86 -20.57
N ASP E 223 40.47 17.13 -20.94
CA ASP E 223 39.50 17.70 -21.86
C ASP E 223 39.85 17.49 -23.33
N VAL E 224 41.00 16.88 -23.62
CA VAL E 224 41.35 16.59 -25.00
C VAL E 224 40.37 15.57 -25.56
N GLY E 225 39.86 15.85 -26.76
CA GLY E 225 38.89 14.97 -27.38
C GLY E 225 37.78 15.72 -28.09
N VAL E 226 36.79 15.00 -28.59
CA VAL E 226 35.69 15.58 -29.34
C VAL E 226 34.42 15.51 -28.51
N TYR E 227 33.65 16.59 -28.50
CA TYR E 227 32.47 16.73 -27.65
C TYR E 227 31.21 16.46 -28.46
N TYR E 228 30.31 15.67 -27.87
CA TYR E 228 29.10 15.21 -28.54
C TYR E 228 27.85 15.75 -27.86
N CYS E 229 26.74 15.67 -28.58
CA CYS E 229 25.51 16.36 -28.20
C CYS E 229 24.33 15.51 -28.64
N MET E 230 23.44 15.18 -27.70
CA MET E 230 22.32 14.29 -27.97
C MET E 230 20.99 14.94 -27.61
N GLN E 231 19.98 14.71 -28.46
CA GLN E 231 18.60 15.07 -28.18
C GLN E 231 17.81 13.84 -27.77
N HIS E 232 16.76 14.06 -26.97
CA HIS E 232 15.95 12.95 -26.49
C HIS E 232 14.45 13.25 -26.45
N LEU E 233 14.00 14.43 -26.90
CA LEU E 233 12.58 14.75 -26.87
C LEU E 233 11.79 13.83 -27.79
N GLU E 234 12.04 13.93 -29.09
CA GLU E 234 11.58 12.91 -30.02
C GLU E 234 12.55 11.73 -29.90
N TYR E 235 12.34 10.67 -30.68
CA TYR E 235 13.14 9.46 -30.52
C TYR E 235 13.71 8.97 -31.85
N PRO E 236 14.55 9.79 -32.52
CA PRO E 236 15.48 9.21 -33.51
C PRO E 236 16.87 9.03 -32.92
N LEU E 237 17.10 9.62 -31.75
CA LEU E 237 18.40 9.64 -31.08
C LEU E 237 19.51 10.05 -32.04
N THR E 238 19.29 11.17 -32.72
CA THR E 238 20.28 11.72 -33.63
C THR E 238 21.37 12.45 -32.86
N PHE E 239 22.62 12.19 -33.23
CA PHE E 239 23.76 12.78 -32.54
C PHE E 239 24.21 14.06 -33.25
N GLY E 240 25.12 14.77 -32.59
CA GLY E 240 25.72 15.95 -33.19
C GLY E 240 26.95 15.62 -34.03
N ALA E 241 27.40 16.61 -34.79
CA ALA E 241 28.60 16.43 -35.61
C ALA E 241 29.82 16.20 -34.74
N GLY E 242 29.96 16.96 -33.65
CA GLY E 242 31.08 16.80 -32.76
C GLY E 242 32.16 17.85 -32.94
N THR E 243 32.52 18.53 -31.85
CA THR E 243 33.59 19.52 -31.87
C THR E 243 34.83 18.90 -31.24
N LYS E 244 35.90 18.79 -32.03
CA LYS E 244 37.13 18.16 -31.57
C LYS E 244 38.01 19.19 -30.89
N LEU E 245 38.34 18.94 -29.62
CA LEU E 245 39.20 19.82 -28.84
C LEU E 245 40.61 19.22 -28.83
N GLU E 246 41.56 19.92 -29.45
CA GLU E 246 42.94 19.45 -29.55
C GLU E 246 43.85 20.43 -28.84
N LEU E 247 44.84 19.89 -28.12
CA LEU E 247 45.79 20.71 -27.39
C LEU E 247 47.15 20.71 -28.08
C1 VRK F . -34.58 -15.66 -21.15
O2 VRK F . -30.88 -20.82 -22.09
C4 VRK F . -36.78 -17.37 -24.97
C5 VRK F . -38.07 -18.21 -24.89
C6 VRK F . -39.06 -17.78 -25.98
C7 VRK F . -38.42 -17.99 -27.35
C9 VRK F . -37.50 -15.69 -27.28
C10 VRK F . -38.15 -15.48 -25.92
C11 VRK F . -39.42 -16.32 -25.81
C2 VRK F . -34.89 -16.89 -21.96
C3 VRK F . -35.87 -17.76 -23.84
C8 VRK F . -37.15 -17.16 -27.44
C12 VRK F . -37.16 -15.89 -24.82
C13 VRK F . -36.16 -17.57 -26.35
C14 VRK F . -34.85 -18.86 -24.04
C15 VRK F . -33.80 -18.88 -22.97
C16 VRK F . -33.79 -17.92 -21.98
C17 VRK F . -32.80 -17.93 -21.00
C18 VRK F . -31.82 -18.89 -21.01
C19 VRK F . -31.82 -19.85 -22.00
C20 VRK F . -32.79 -19.84 -22.97
N1 VRK F . -35.77 -15.38 -20.37
O1 VRK F . -35.27 -16.59 -23.29
O3 VRK F . -32.79 -20.79 -23.94
#